data_9IK9
#
_entry.id   9IK9
#
_cell.length_a   1.00
_cell.length_b   1.00
_cell.length_c   1.00
_cell.angle_alpha   90.00
_cell.angle_beta   90.00
_cell.angle_gamma   90.00
#
_symmetry.space_group_name_H-M   'P 1'
#
loop_
_entity.id
_entity.type
_entity.pdbx_description
1 polymer 'Guanine nucleotide-binding protein G(i) subunit alpha-1'
2 polymer 'Guanine nucleotide-binding protein G(I)/G(S)/G(T) subunit beta-1'
3 polymer 'Guanine nucleotide-binding protein G(I)/G(S)/G(O) subunit gamma-2'
4 polymer scFv16
5 polymer 'Somatostatin receptor type 1'
6 polymer (4J2)(DCY)(DTY)(DTR)K(DVA)(DCY)(ALO)(NH2)
#
loop_
_entity_poly.entity_id
_entity_poly.type
_entity_poly.pdbx_seq_one_letter_code
_entity_poly.pdbx_strand_id
1 'polypeptide(L)'
;LSAEDKAAVERSKMIDRNLREDGEKAAREVKLLLLGAGESGKSTIVKQMKIIHEAGYSEEECKQYKAVVYSNTIQSIIAI
IRAMGRLKIDFGDSARADDARQLFVLAGAAEEGFMTAELAGVIKRLWKDSGVQACFNRSREYQLNDSAAYYLNDLDRIAQ
PNYIPTQQDVLRTRVKTTGIVETHFTFKDLHFKMFDVGGQRSERKKWIHCFEGVTAIIFCVALSDYDLVLAEDEEMNRMH
ESMKLFDSICNNKWFTDTSIILFLNKKDLFEEKIKKSPLTICYPEYAGSNTYEEAAAYIQCQFEDLNKRKDTKEIYTHFT
CATDTKNVQFVFDAVTDVIIKNNLKDCGLF
;
A
2 'polypeptide(L)'
;MHHHHHHHHHHLEVLFQGPGSSGSELDQLRQEAEQLKNQIRDARKACADATLSQITNNIDPVGRIQMRTRRTLRGHLAKI
YAMHWGTDSRLLVSASQDGKLIIWDSYTTNKVHAIPLRSSWVMTCAYAPSGNYVACGGLDNICSIYNLKTREGNVRVSRE
LAGHTGYLSCCRFLDDNQIVTSSGDTTCALWDIETGQQTTTFTGHTGDVMSLSLAPDTRLFVSGACDASAKLWDVREGMC
RQTFTGHESDINAICFFPNGNAFATGSDDATCRLFDLRADQELMTYSHDNIICGITSVSFSKSGRLLLAGYDDFNCNVWD
ALKADRAGVLAGHDNRVSCLGVTDDGMAVATGSWDSFLKIWNVSGWRLFKKIS
;
B
3 'polypeptide(L)' MASNNTASIAQARKLVEQLKMEANIDRIKVSKAAADLMAYCEAHAKEDPLLTPVPASENPFREKKFFCAIL C
4 'polypeptide(L)'
;VQLVESGGGLVQPGGSRKLSCSASGFAFSSFGMHWVRQAPEKGLEWVAYISSGSGTIYYADTVKGRFTISRDDPKNTLFL
QMTSLRSEDTAMYYCVRSIYYYGSSPFDFWGQGTTLTVSSGGGGSGGGGSGGGGSDIVMTQATSSVPVTPGESVSISCRS
SKSLLHSNGNTYLYWFLQRPGQSPQLLIYRMSNLASGVPDRFSGSGSGTAFTLTISRLEAEDVGVYYCMQHLEYPLTFGA
GTKLELSISCRSSKSLLHSNGNTYLYWFLQRPGQSPQLLIYRMSNLASGVPDRFSGSGSGTAFTLTISRLEAEDVGVYYC
MQHLEYPLTFGAGTKLEL
;
E
5 'polypeptide(L)'
;MFPNGTASSPSSSPSPSPGSCGEGGGSRGPGAGAADGMEEPGRNASQNGTLSEGQGSAILISFIYSVVCLVGLCGNSMVI
YVILRYAKMKTATNIYILNLAIADELLMLSVPFLVTSTLLRHWPFGALLCRLVLSVDAVNMFTSIYCLTVLSVDRYVAVV
HPIKAARYRRPTVAKVVNLGVWVLSLLVILPIVVFSRTAANSDGTVACNMLMPEPAQRWLVGFVLYTFLMGFLLPVGAIC
LCYVLIIAKMRMVALKAGWQQRKRSERKITLMVMMVVMVFVICWMPFYVVQLVNVFAEQDDATVSQLSVILGYANSCANP
ILYGFLSDNFKRSFQRILCLSWMDNAAEEPVDYYATALKSRAYSVEDFQPENLESGGVFRNGTCTSRITTLLE
;
D
6 'polypeptide(D)' (4J2)(DCY)(DTY)(DTR)K(DVA)(DCY)(ALO)(NH2) F
#
loop_
_chem_comp.id
_chem_comp.type
_chem_comp.name
_chem_comp.formula
NH2 non-polymer 'AMINO GROUP' 'H2 N'
#
# COMPACT_ATOMS: atom_id res chain seq x y z
N LEU A 1 -22.85 13.31 -11.82
CA LEU A 1 -21.42 13.37 -12.06
C LEU A 1 -20.84 11.98 -12.25
N SER A 2 -21.61 10.93 -11.94
CA SER A 2 -21.16 9.55 -12.13
C SER A 2 -22.34 8.65 -12.36
N ALA A 3 -22.23 7.73 -13.31
CA ALA A 3 -23.35 6.85 -13.66
C ALA A 3 -23.12 5.44 -13.16
N GLU A 4 -22.16 4.72 -13.77
CA GLU A 4 -21.82 3.39 -13.29
C GLU A 4 -20.38 3.32 -12.83
N ASP A 5 -19.71 4.46 -12.71
CA ASP A 5 -18.45 4.58 -11.98
C ASP A 5 -18.68 4.68 -10.48
N LYS A 6 -19.90 4.41 -10.03
CA LYS A 6 -20.24 4.36 -8.62
C LYS A 6 -20.35 2.94 -8.10
N ALA A 7 -20.36 1.94 -8.98
CA ALA A 7 -20.19 0.56 -8.60
C ALA A 7 -18.76 0.07 -8.78
N ALA A 8 -17.95 0.83 -9.53
CA ALA A 8 -16.51 0.67 -9.54
C ALA A 8 -15.85 1.33 -8.35
N VAL A 9 -16.64 1.77 -7.37
CA VAL A 9 -16.11 2.28 -6.11
C VAL A 9 -16.55 1.48 -4.91
N GLU A 10 -17.72 0.85 -4.94
CA GLU A 10 -18.08 -0.17 -3.98
C GLU A 10 -17.29 -1.45 -4.19
N ARG A 11 -16.40 -1.45 -5.17
CA ARG A 11 -15.42 -2.50 -5.39
C ARG A 11 -14.09 -2.19 -4.73
N SER A 12 -13.56 -1.00 -5.00
CA SER A 12 -12.35 -0.52 -4.34
C SER A 12 -12.57 -0.14 -2.89
N LYS A 13 -13.82 -0.14 -2.41
CA LYS A 13 -14.11 0.05 -1.00
C LYS A 13 -14.37 -1.26 -0.28
N MET A 14 -14.29 -2.38 -0.99
CA MET A 14 -14.24 -3.71 -0.38
C MET A 14 -12.89 -4.36 -0.53
N ILE A 15 -12.18 -4.06 -1.62
CA ILE A 15 -10.84 -4.57 -1.81
C ILE A 15 -9.92 -4.08 -0.69
N ASP A 16 -10.04 -2.79 -0.34
CA ASP A 16 -9.23 -2.25 0.75
C ASP A 16 -9.54 -2.93 2.07
N ARG A 17 -10.83 -3.12 2.35
CA ARG A 17 -11.23 -3.81 3.57
C ARG A 17 -10.61 -5.20 3.64
N ASN A 18 -10.65 -5.94 2.53
CA ASN A 18 -10.07 -7.27 2.54
C ASN A 18 -8.56 -7.23 2.69
N LEU A 19 -7.90 -6.22 2.09
CA LEU A 19 -6.47 -6.07 2.30
C LEU A 19 -6.16 -5.88 3.77
N ARG A 20 -6.85 -4.94 4.43
CA ARG A 20 -6.68 -4.76 5.86
C ARG A 20 -6.86 -6.08 6.61
N GLU A 21 -8.03 -6.70 6.46
CA GLU A 21 -8.27 -7.97 7.14
C GLU A 21 -7.19 -9.00 6.86
N ASP A 22 -6.46 -8.86 5.76
CA ASP A 22 -5.32 -9.73 5.47
C ASP A 22 -4.00 -9.14 5.95
N GLY A 23 -4.03 -7.93 6.51
CA GLY A 23 -2.82 -7.28 7.01
C GLY A 23 -2.86 -7.10 8.51
N GLU A 24 -4.07 -7.09 9.07
CA GLU A 24 -4.27 -7.15 10.51
C GLU A 24 -4.27 -8.57 11.03
N LYS A 25 -3.69 -9.50 10.26
CA LYS A 25 -3.66 -10.90 10.62
C LYS A 25 -2.28 -11.53 10.41
N ALA A 26 -1.31 -10.79 9.86
CA ALA A 26 0.06 -11.28 9.79
C ALA A 26 0.76 -11.16 11.13
N ALA A 27 0.43 -10.13 11.91
CA ALA A 27 1.02 -9.91 13.21
C ALA A 27 1.11 -11.21 14.02
N ARG A 28 -0.02 -11.86 14.25
CA ARG A 28 -0.05 -13.05 15.09
C ARG A 28 0.71 -14.22 14.49
N GLU A 29 1.30 -14.06 13.31
CA GLU A 29 2.23 -15.03 12.73
C GLU A 29 3.58 -14.31 12.65
N VAL A 30 4.33 -14.34 13.75
CA VAL A 30 5.58 -13.60 13.81
C VAL A 30 6.64 -14.29 12.97
N LYS A 31 7.68 -13.53 12.65
CA LYS A 31 8.67 -13.90 11.65
C LYS A 31 10.04 -13.83 12.28
N LEU A 32 10.68 -14.98 12.47
CA LEU A 32 12.05 -15.06 12.94
C LEU A 32 12.99 -15.24 11.76
N LEU A 33 14.27 -15.40 12.06
CA LEU A 33 15.27 -15.63 11.02
C LEU A 33 16.42 -16.42 11.64
N LEU A 34 16.37 -17.73 11.49
CA LEU A 34 17.45 -18.58 11.97
C LEU A 34 18.74 -18.27 11.23
N LEU A 35 19.85 -18.55 11.89
CA LEU A 35 21.18 -18.50 11.29
C LEU A 35 22.00 -19.62 11.92
N GLY A 36 23.30 -19.59 11.67
CA GLY A 36 24.18 -20.61 12.22
C GLY A 36 25.49 -20.65 11.49
N ALA A 37 26.49 -21.24 12.15
CA ALA A 37 27.78 -21.45 11.53
C ALA A 37 27.67 -22.54 10.48
N GLY A 38 28.80 -22.89 9.88
CA GLY A 38 28.81 -23.91 8.85
C GLY A 38 28.27 -25.23 9.35
N GLU A 39 27.04 -25.56 8.93
CA GLU A 39 26.37 -26.81 9.30
C GLU A 39 26.65 -27.19 10.74
N SER A 40 26.34 -26.25 11.64
CA SER A 40 26.58 -26.45 13.07
C SER A 40 25.35 -26.98 13.80
N GLY A 41 24.26 -26.22 13.80
CA GLY A 41 23.09 -26.58 14.56
C GLY A 41 21.77 -26.24 13.91
N LYS A 42 21.78 -25.99 12.61
CA LYS A 42 20.54 -25.63 11.91
C LYS A 42 19.62 -26.83 11.70
N SER A 43 19.91 -28.00 12.30
CA SER A 43 19.12 -29.19 12.07
C SER A 43 17.98 -29.32 13.07
N THR A 44 18.30 -29.38 14.37
CA THR A 44 17.30 -29.58 15.40
C THR A 44 16.68 -28.27 15.89
N ILE A 45 17.35 -27.15 15.65
CA ILE A 45 16.82 -25.85 16.05
C ILE A 45 15.54 -25.57 15.31
N VAL A 46 15.35 -26.21 14.17
CA VAL A 46 14.10 -26.09 13.42
C VAL A 46 13.02 -26.98 14.04
N LYS A 47 13.37 -28.22 14.36
CA LYS A 47 12.43 -29.20 14.89
C LYS A 47 12.31 -29.14 16.41
N GLN A 48 12.74 -28.05 17.03
CA GLN A 48 12.47 -27.87 18.46
C GLN A 48 10.99 -28.10 18.76
N MET A 49 10.11 -27.68 17.86
CA MET A 49 8.68 -27.92 17.97
C MET A 49 8.20 -28.57 16.68
N LYS A 50 7.17 -29.42 16.81
CA LYS A 50 6.74 -30.29 15.72
C LYS A 50 5.32 -29.98 15.29
N ILE A 51 4.99 -28.70 15.14
CA ILE A 51 3.67 -28.29 14.71
C ILE A 51 2.61 -28.84 15.64
N THR A 178 12.41 -25.74 -2.16
CA THR A 178 11.89 -24.65 -2.98
C THR A 178 12.56 -23.33 -2.60
N GLY A 179 13.82 -23.17 -2.98
CA GLY A 179 14.54 -21.94 -2.71
C GLY A 179 14.80 -21.71 -1.25
N ILE A 180 14.13 -20.70 -0.69
CA ILE A 180 14.30 -20.35 0.72
C ILE A 180 13.41 -21.22 1.59
N VAL A 181 13.92 -21.61 2.75
CA VAL A 181 13.18 -22.48 3.66
C VAL A 181 12.18 -21.65 4.46
N GLU A 182 10.96 -22.16 4.54
CA GLU A 182 9.97 -21.66 5.49
C GLU A 182 9.86 -22.66 6.64
N THR A 183 9.02 -22.31 7.62
CA THR A 183 8.83 -23.14 8.82
C THR A 183 7.57 -22.65 9.53
N HIS A 184 6.99 -23.45 10.42
CA HIS A 184 5.83 -23.01 11.20
C HIS A 184 5.73 -23.86 12.46
N PHE A 185 5.70 -23.21 13.62
CA PHE A 185 5.38 -23.90 14.86
C PHE A 185 4.57 -23.00 15.78
N THR A 186 3.61 -23.60 16.47
CA THR A 186 2.62 -22.88 17.26
C THR A 186 2.90 -23.03 18.75
N PHE A 187 2.60 -21.97 19.50
CA PHE A 187 2.80 -21.96 20.94
C PHE A 187 1.88 -20.91 21.54
N LYS A 188 0.91 -21.35 22.34
CA LYS A 188 0.00 -20.46 23.07
C LYS A 188 -0.55 -19.37 22.16
N ASP A 189 -1.27 -19.80 21.12
CA ASP A 189 -1.95 -18.89 20.20
C ASP A 189 -0.97 -17.93 19.54
N LEU A 190 0.28 -18.34 19.39
CA LEU A 190 1.29 -17.55 18.71
C LEU A 190 2.00 -18.44 17.71
N HIS A 191 1.98 -18.05 16.44
CA HIS A 191 2.53 -18.86 15.36
C HIS A 191 3.87 -18.26 14.93
N PHE A 192 4.94 -19.04 15.01
CA PHE A 192 6.26 -18.62 14.62
C PHE A 192 6.60 -19.19 13.26
N LYS A 193 7.14 -18.34 12.38
CA LYS A 193 7.66 -18.75 11.09
C LYS A 193 9.15 -18.48 11.05
N MET A 194 9.95 -19.53 10.91
CA MET A 194 11.41 -19.45 10.98
C MET A 194 11.97 -19.61 9.56
N PHE A 195 12.18 -18.48 8.89
CA PHE A 195 12.70 -18.46 7.53
C PHE A 195 14.20 -18.71 7.53
N ASP A 196 14.57 -19.97 7.77
CA ASP A 196 15.95 -20.39 7.63
C ASP A 196 16.47 -19.98 6.26
N VAL A 197 17.63 -19.33 6.22
CA VAL A 197 18.17 -18.83 4.97
C VAL A 197 19.63 -19.24 4.77
N GLY A 198 20.15 -20.14 5.62
CA GLY A 198 21.53 -20.55 5.51
C GLY A 198 21.83 -21.55 4.41
N GLY A 199 20.99 -21.61 3.39
CA GLY A 199 21.19 -22.53 2.30
C GLY A 199 20.91 -21.92 0.94
N GLN A 200 21.09 -20.61 0.81
CA GLN A 200 20.90 -19.89 -0.45
C GLN A 200 22.27 -19.40 -0.92
N ARG A 201 22.75 -19.98 -2.02
CA ARG A 201 24.10 -19.71 -2.50
C ARG A 201 24.11 -18.47 -3.39
N SER A 202 24.17 -17.32 -2.74
CA SER A 202 24.31 -16.03 -3.43
C SER A 202 25.07 -15.09 -2.51
N GLU A 203 25.02 -13.79 -2.83
CA GLU A 203 25.73 -12.80 -2.04
C GLU A 203 25.03 -12.46 -0.75
N ARG A 204 25.78 -12.21 0.31
CA ARG A 204 25.22 -11.96 1.64
C ARG A 204 24.23 -10.81 1.65
N LYS A 205 24.15 -10.02 0.57
CA LYS A 205 23.44 -8.74 0.59
C LYS A 205 22.17 -8.75 -0.24
N LYS A 206 22.24 -9.13 -1.51
CA LYS A 206 21.14 -8.91 -2.43
C LYS A 206 19.87 -9.65 -2.05
N TRP A 207 19.91 -10.52 -1.05
CA TRP A 207 18.72 -11.21 -0.57
C TRP A 207 18.51 -11.02 0.92
N ILE A 208 19.12 -9.99 1.51
CA ILE A 208 19.08 -9.79 2.95
C ILE A 208 18.14 -8.65 3.33
N HIS A 209 18.13 -7.55 2.57
CA HIS A 209 17.18 -6.49 2.87
C HIS A 209 15.75 -6.89 2.59
N CYS A 210 15.53 -8.07 1.99
CA CYS A 210 14.19 -8.65 1.92
C CYS A 210 13.72 -9.16 3.26
N PHE A 211 14.53 -9.04 4.31
CA PHE A 211 14.22 -9.55 5.63
C PHE A 211 14.11 -8.46 6.68
N GLU A 212 14.28 -7.19 6.30
CA GLU A 212 14.03 -6.11 7.24
C GLU A 212 12.59 -6.17 7.73
N GLY A 213 12.30 -5.44 8.80
CA GLY A 213 11.03 -5.53 9.46
C GLY A 213 10.81 -6.80 10.23
N VAL A 214 11.71 -7.78 10.13
CA VAL A 214 11.56 -9.01 10.87
C VAL A 214 11.55 -8.70 12.36
N THR A 215 10.98 -9.64 13.12
CA THR A 215 10.74 -9.41 14.54
C THR A 215 11.96 -9.67 15.41
N ALA A 216 12.87 -10.53 14.97
CA ALA A 216 14.02 -10.90 15.78
C ALA A 216 15.03 -11.62 14.89
N ILE A 217 16.05 -12.17 15.53
CA ILE A 217 17.07 -12.97 14.87
C ILE A 217 17.54 -14.02 15.86
N ILE A 218 17.91 -15.17 15.35
CA ILE A 218 18.45 -16.25 16.17
C ILE A 218 19.88 -16.51 15.73
N PHE A 219 20.64 -17.15 16.60
CA PHE A 219 22.04 -17.44 16.30
C PHE A 219 22.46 -18.65 17.12
N CYS A 220 22.76 -19.74 16.43
CA CYS A 220 23.06 -21.02 17.04
C CYS A 220 24.54 -21.32 16.82
N VAL A 221 25.30 -21.38 17.91
CA VAL A 221 26.73 -21.61 17.86
C VAL A 221 27.08 -22.75 18.81
N ALA A 222 28.19 -23.42 18.50
CA ALA A 222 28.67 -24.54 19.29
C ALA A 222 29.67 -24.04 20.32
N LEU A 223 29.69 -24.73 21.47
CA LEU A 223 30.56 -24.34 22.57
C LEU A 223 31.95 -24.96 22.47
N SER A 224 32.12 -26.01 21.68
CA SER A 224 33.36 -26.77 21.65
C SER A 224 33.97 -26.93 20.26
N ASP A 225 33.21 -26.70 19.20
CA ASP A 225 33.70 -26.88 17.83
C ASP A 225 34.72 -25.84 17.40
N TYR A 226 35.15 -24.95 18.29
CA TYR A 226 36.07 -23.90 17.90
C TYR A 226 37.34 -24.39 17.22
N ASP A 227 37.80 -25.60 17.56
CA ASP A 227 39.07 -26.07 17.02
C ASP A 227 38.95 -26.61 15.60
N LEU A 228 37.77 -27.11 15.21
CA LEU A 228 37.60 -27.65 13.88
C LEU A 228 37.90 -26.59 12.83
N VAL A 229 38.02 -27.04 11.58
CA VAL A 229 38.30 -26.14 10.46
C VAL A 229 38.30 -26.92 9.15
N ASN A 237 39.32 -21.55 15.60
CA ASN A 237 39.02 -21.49 14.17
C ASN A 237 37.55 -21.20 13.93
N ARG A 238 36.72 -22.23 14.07
CA ARG A 238 35.28 -22.08 13.84
C ARG A 238 34.72 -20.94 14.69
N MET A 239 35.16 -20.85 15.95
CA MET A 239 34.71 -19.75 16.80
C MET A 239 35.06 -18.41 16.18
N HIS A 240 36.22 -18.31 15.55
CA HIS A 240 36.62 -17.07 14.90
C HIS A 240 35.67 -16.74 13.78
N GLU A 241 35.39 -17.71 12.92
CA GLU A 241 34.45 -17.49 11.81
C GLU A 241 33.10 -17.04 12.33
N SER A 242 32.62 -17.67 13.41
CA SER A 242 31.33 -17.28 13.97
C SER A 242 31.39 -15.87 14.54
N MET A 243 32.52 -15.49 15.13
CA MET A 243 32.65 -14.12 15.65
C MET A 243 32.63 -13.11 14.51
N LYS A 244 33.34 -13.40 13.42
CA LYS A 244 33.31 -12.52 12.27
C LYS A 244 31.89 -12.39 11.72
N LEU A 245 31.17 -13.51 11.67
CA LEU A 245 29.78 -13.47 11.22
C LEU A 245 28.91 -12.62 12.15
N PHE A 246 29.08 -12.81 13.46
CA PHE A 246 28.29 -12.06 14.43
C PHE A 246 28.57 -10.57 14.32
N ASP A 247 29.82 -10.20 14.05
CA ASP A 247 30.13 -8.78 13.86
C ASP A 247 29.51 -8.25 12.58
N SER A 248 29.58 -9.03 11.49
CA SER A 248 28.95 -8.60 10.25
C SER A 248 27.44 -8.49 10.39
N ILE A 249 26.84 -9.21 11.33
CA ILE A 249 25.39 -9.18 11.51
C ILE A 249 24.96 -8.06 12.44
N CYS A 250 25.48 -8.06 13.66
CA CYS A 250 25.02 -7.13 14.69
C CYS A 250 25.39 -5.69 14.42
N ASN A 251 25.95 -5.36 13.26
CA ASN A 251 26.21 -3.96 12.91
C ASN A 251 25.81 -3.65 11.48
N ASN A 252 25.01 -4.54 10.88
CA ASN A 252 24.51 -4.35 9.53
C ASN A 252 23.67 -3.10 9.42
N LYS A 253 23.47 -2.60 8.20
CA LYS A 253 22.68 -1.39 8.01
C LYS A 253 21.21 -1.63 8.27
N TRP A 254 20.74 -2.86 8.13
CA TRP A 254 19.32 -3.18 8.26
C TRP A 254 18.99 -3.88 9.56
N PHE A 255 19.93 -3.93 10.50
CA PHE A 255 19.75 -4.66 11.75
C PHE A 255 20.26 -3.82 12.92
N THR A 256 19.94 -2.53 12.93
CA THR A 256 20.30 -1.67 14.05
C THR A 256 19.32 -1.83 15.20
N ASP A 257 18.03 -1.70 14.92
CA ASP A 257 17.00 -1.86 15.92
C ASP A 257 16.49 -3.29 16.04
N THR A 258 17.11 -4.21 15.33
CA THR A 258 16.66 -5.60 15.28
C THR A 258 17.33 -6.36 16.42
N SER A 259 16.51 -6.86 17.34
CA SER A 259 17.03 -7.57 18.50
C SER A 259 17.63 -8.89 18.07
N ILE A 260 18.13 -9.64 19.05
CA ILE A 260 18.80 -10.90 18.78
C ILE A 260 18.54 -11.86 19.94
N ILE A 261 18.47 -13.13 19.60
CA ILE A 261 18.56 -14.23 20.55
C ILE A 261 19.85 -14.95 20.23
N LEU A 262 20.33 -15.75 21.18
CA LEU A 262 21.66 -16.34 21.04
C LEU A 262 21.68 -17.65 21.82
N PHE A 263 21.62 -18.75 21.09
CA PHE A 263 21.67 -20.03 21.74
C PHE A 263 23.08 -20.58 21.73
N LEU A 264 23.36 -21.53 22.59
CA LEU A 264 24.69 -22.12 22.75
C LEU A 264 24.48 -23.63 22.82
N ASN A 265 24.55 -24.29 21.68
CA ASN A 265 24.22 -25.71 21.59
C ASN A 265 25.47 -26.56 21.70
N LYS A 266 25.26 -27.86 21.89
CA LYS A 266 26.35 -28.82 22.11
C LYS A 266 27.17 -28.42 23.34
N LYS A 267 26.49 -28.45 24.49
CA LYS A 267 27.09 -28.06 25.76
C LYS A 267 27.62 -29.24 26.56
N ASP A 268 26.86 -30.34 26.63
CA ASP A 268 27.30 -31.50 27.38
C ASP A 268 28.66 -32.01 26.90
N LEU A 269 29.07 -31.63 25.70
CA LEU A 269 30.36 -32.05 25.18
C LEU A 269 31.43 -31.03 25.51
N PHE A 270 31.04 -29.76 25.61
CA PHE A 270 31.98 -28.73 26.00
C PHE A 270 32.54 -28.97 27.41
N GLU A 271 31.81 -29.71 28.25
CA GLU A 271 32.30 -30.03 29.58
C GLU A 271 33.55 -30.89 29.55
N GLU A 272 33.87 -31.45 28.38
CA GLU A 272 35.01 -32.36 28.25
C GLU A 272 36.16 -31.76 27.47
N LYS A 273 35.83 -31.01 26.42
CA LYS A 273 36.85 -30.42 25.56
C LYS A 273 37.79 -29.51 26.33
N ILE A 274 37.26 -28.80 27.32
CA ILE A 274 38.08 -27.94 28.16
C ILE A 274 38.69 -28.77 29.26
N LYS A 275 37.98 -29.79 29.70
CA LYS A 275 38.50 -30.70 30.72
C LYS A 275 39.89 -31.20 30.34
N LYS A 276 40.13 -31.35 29.03
CA LYS A 276 41.43 -31.81 28.53
C LYS A 276 42.13 -30.79 27.64
N SER A 277 41.37 -29.90 26.98
CA SER A 277 41.92 -28.94 26.03
C SER A 277 41.31 -27.57 26.32
N PRO A 278 41.91 -26.78 27.21
CA PRO A 278 41.37 -25.45 27.51
C PRO A 278 41.22 -24.60 26.25
N LEU A 279 40.37 -23.58 26.36
CA LEU A 279 40.08 -22.72 25.22
C LEU A 279 41.24 -21.82 24.84
N THR A 280 42.31 -21.77 25.64
CA THR A 280 43.47 -20.96 25.26
C THR A 280 43.99 -21.34 23.89
N ILE A 281 43.57 -22.47 23.34
CA ILE A 281 43.92 -22.81 21.98
C ILE A 281 43.37 -21.72 21.08
N CYS A 282 42.15 -21.27 21.38
CA CYS A 282 41.49 -20.26 20.57
C CYS A 282 41.36 -18.93 21.28
N TYR A 283 41.79 -18.83 22.54
CA TYR A 283 41.80 -17.57 23.28
C TYR A 283 42.96 -17.59 24.25
N PRO A 284 44.20 -17.55 23.74
CA PRO A 284 45.36 -17.58 24.64
C PRO A 284 45.33 -16.49 25.70
N GLU A 285 44.62 -15.39 25.47
CA GLU A 285 44.54 -14.31 26.45
C GLU A 285 43.62 -14.64 27.62
N TYR A 286 43.06 -15.84 27.67
CA TYR A 286 42.19 -16.25 28.76
C TYR A 286 42.96 -17.10 29.76
N ALA A 287 42.70 -16.85 31.04
CA ALA A 287 43.35 -17.61 32.11
C ALA A 287 42.36 -17.74 33.27
N GLY A 288 41.99 -18.97 33.60
CA GLY A 288 41.05 -19.21 34.67
C GLY A 288 40.70 -20.67 34.75
N SER A 289 39.63 -20.95 35.51
CA SER A 289 39.17 -22.32 35.68
C SER A 289 38.73 -22.91 34.34
N ASN A 290 39.48 -23.89 33.84
CA ASN A 290 39.15 -24.57 32.59
C ASN A 290 37.99 -25.53 32.85
N THR A 291 36.83 -24.94 33.15
CA THR A 291 35.65 -25.71 33.55
C THR A 291 34.41 -25.02 33.04
N TYR A 292 33.28 -25.74 33.16
CA TYR A 292 32.00 -25.29 32.64
C TYR A 292 31.60 -23.93 33.18
N GLU A 293 31.36 -23.84 34.49
CA GLU A 293 30.76 -22.68 35.11
C GLU A 293 31.62 -21.43 35.00
N GLU A 294 32.84 -21.56 34.49
CA GLU A 294 33.73 -20.43 34.30
C GLU A 294 33.99 -20.14 32.84
N ALA A 295 34.47 -21.14 32.10
CA ALA A 295 34.76 -20.96 30.69
C ALA A 295 33.51 -20.63 29.89
N ALA A 296 32.42 -21.32 30.16
CA ALA A 296 31.18 -21.08 29.44
C ALA A 296 30.69 -19.66 29.65
N ALA A 297 30.67 -19.22 30.92
CA ALA A 297 30.29 -17.84 31.20
C ALA A 297 31.25 -16.86 30.54
N TYR A 298 32.52 -17.23 30.45
CA TYR A 298 33.49 -16.37 29.78
C TYR A 298 33.11 -16.18 28.32
N ILE A 299 32.84 -17.27 27.61
CA ILE A 299 32.45 -17.17 26.21
C ILE A 299 31.16 -16.39 26.07
N GLN A 300 30.21 -16.60 27.00
CA GLN A 300 28.94 -15.89 26.92
C GLN A 300 29.16 -14.38 27.04
N CYS A 301 29.94 -13.95 28.04
CA CYS A 301 30.19 -12.54 28.23
C CYS A 301 31.13 -11.98 27.16
N GLN A 302 31.85 -12.84 26.45
CA GLN A 302 32.67 -12.38 25.33
C GLN A 302 31.86 -12.23 24.05
N PHE A 303 30.71 -12.90 23.97
CA PHE A 303 29.84 -12.78 22.81
C PHE A 303 28.76 -11.75 23.02
N GLU A 304 28.40 -11.49 24.27
CA GLU A 304 27.37 -10.53 24.60
C GLU A 304 27.90 -9.09 24.65
N ASP A 305 29.08 -8.83 24.08
CA ASP A 305 29.69 -7.51 24.21
C ASP A 305 30.31 -7.01 22.91
N LEU A 306 29.83 -7.49 21.77
CA LEU A 306 30.32 -7.03 20.47
C LEU A 306 29.42 -5.95 19.89
N ASN A 307 28.17 -5.90 20.35
CA ASN A 307 27.24 -4.89 19.87
C ASN A 307 27.79 -3.49 20.08
N LYS A 308 28.07 -2.79 18.99
CA LYS A 308 28.61 -1.44 19.07
C LYS A 308 27.63 -0.45 19.66
N ARG A 309 26.40 -0.88 19.97
CA ARG A 309 25.41 -0.04 20.62
C ARG A 309 24.52 -0.94 21.45
N LYS A 310 24.43 -0.65 22.75
CA LYS A 310 23.77 -1.54 23.71
C LYS A 310 22.54 -0.91 24.34
N ASP A 311 22.12 0.26 23.87
CA ASP A 311 20.90 0.90 24.33
C ASP A 311 19.73 0.64 23.39
N THR A 312 19.94 0.81 22.09
CA THR A 312 18.88 0.57 21.11
C THR A 312 18.40 -0.88 21.18
N LYS A 313 19.29 -1.82 20.87
CA LYS A 313 18.94 -3.23 20.80
C LYS A 313 19.49 -3.98 22.01
N GLU A 314 18.86 -5.12 22.29
CA GLU A 314 19.28 -6.02 23.36
C GLU A 314 19.81 -7.31 22.76
N ILE A 315 20.44 -8.12 23.60
CA ILE A 315 21.04 -9.38 23.17
C ILE A 315 20.90 -10.39 24.30
N TYR A 316 20.20 -11.48 24.00
CA TYR A 316 19.89 -12.48 25.01
C TYR A 316 20.83 -13.66 25.02
N THR A 317 20.59 -14.60 25.93
CA THR A 317 21.42 -15.79 26.01
C THR A 317 20.63 -16.95 26.58
N HIS A 318 21.06 -18.17 26.30
CA HIS A 318 20.38 -19.38 26.72
C HIS A 318 21.26 -20.56 26.36
N PHE A 319 20.87 -21.74 26.83
CA PHE A 319 21.56 -22.98 26.52
C PHE A 319 20.53 -24.04 26.17
N THR A 320 20.99 -25.07 25.47
CA THR A 320 20.08 -26.06 24.87
C THR A 320 19.93 -27.27 25.80
N CYS A 321 19.17 -27.06 26.87
CA CYS A 321 18.67 -28.13 27.73
C CYS A 321 17.16 -27.95 27.75
N ALA A 322 16.48 -28.66 26.85
CA ALA A 322 15.08 -28.35 26.57
C ALA A 322 14.14 -28.87 27.64
N THR A 323 14.33 -30.11 28.08
CA THR A 323 13.26 -30.87 28.72
C THR A 323 12.12 -31.09 27.74
N ASP A 324 12.43 -30.98 26.45
CA ASP A 324 11.56 -30.99 25.28
C ASP A 324 10.79 -29.67 25.13
N THR A 325 10.92 -28.78 26.10
CA THR A 325 10.29 -27.48 25.99
C THR A 325 10.85 -26.44 26.96
N LYS A 326 12.12 -26.04 26.79
CA LYS A 326 12.64 -24.93 27.59
C LYS A 326 12.99 -23.76 26.69
N ASN A 327 13.72 -24.04 25.62
CA ASN A 327 14.22 -22.98 24.74
C ASN A 327 13.07 -22.21 24.12
N VAL A 328 12.16 -22.91 23.45
CA VAL A 328 11.03 -22.27 22.80
C VAL A 328 10.29 -21.34 23.77
N GLN A 329 10.26 -21.71 25.06
CA GLN A 329 9.70 -20.79 26.06
C GLN A 329 10.53 -19.53 26.15
N PHE A 330 11.85 -19.65 26.10
CA PHE A 330 12.72 -18.49 26.10
C PHE A 330 12.42 -17.60 24.89
N VAL A 331 12.19 -18.23 23.74
CA VAL A 331 11.87 -17.47 22.54
C VAL A 331 10.54 -16.75 22.72
N PHE A 332 9.56 -17.43 23.30
CA PHE A 332 8.28 -16.79 23.59
C PHE A 332 8.47 -15.53 24.44
N ASP A 333 9.18 -15.67 25.54
CA ASP A 333 9.41 -14.53 26.43
C ASP A 333 10.12 -13.39 25.70
N ALA A 334 11.22 -13.72 25.04
CA ALA A 334 11.99 -12.69 24.35
C ALA A 334 11.16 -11.98 23.29
N VAL A 335 10.31 -12.73 22.59
CA VAL A 335 9.56 -12.15 21.48
C VAL A 335 8.44 -11.28 22.01
N THR A 336 7.81 -11.67 23.12
CA THR A 336 6.79 -10.79 23.68
C THR A 336 7.43 -9.52 24.23
N ASP A 337 8.63 -9.63 24.79
CA ASP A 337 9.32 -8.43 25.26
C ASP A 337 9.67 -7.50 24.10
N VAL A 338 10.09 -8.07 22.97
CA VAL A 338 10.40 -7.22 21.82
C VAL A 338 9.13 -6.60 21.26
N ILE A 339 8.03 -7.35 21.24
CA ILE A 339 6.76 -6.80 20.80
C ILE A 339 6.38 -5.60 21.65
N ILE A 340 6.61 -5.72 22.95
CA ILE A 340 6.33 -4.60 23.84
C ILE A 340 7.21 -3.43 23.48
N LYS A 341 8.52 -3.62 23.51
CA LYS A 341 9.46 -2.55 23.19
C LYS A 341 9.16 -1.89 21.85
N ASN A 342 8.44 -2.57 20.96
CA ASN A 342 8.04 -1.94 19.70
C ASN A 342 6.76 -1.13 19.88
N ASN A 343 5.74 -1.71 20.50
CA ASN A 343 4.51 -0.97 20.72
C ASN A 343 4.74 0.29 21.54
N LEU A 344 5.72 0.27 22.43
CA LEU A 344 6.07 1.43 23.25
C LEU A 344 6.89 2.46 22.48
N LYS A 345 6.86 2.36 21.16
CA LYS A 345 7.39 3.41 20.30
C LYS A 345 6.24 3.67 19.31
N ASP A 346 5.42 2.66 18.91
CA ASP A 346 4.23 2.90 18.12
C ASP A 346 3.14 3.61 18.91
N CYS A 347 3.40 3.96 20.18
CA CYS A 347 2.48 4.73 20.99
C CYS A 347 3.16 5.89 21.71
N GLY A 348 4.38 6.24 21.32
CA GLY A 348 5.06 7.40 21.86
C GLY A 348 5.40 7.32 23.33
N LEU A 349 5.06 6.23 24.01
CA LEU A 349 5.23 6.15 25.45
C LEU A 349 6.69 6.03 25.88
N PHE A 350 7.65 6.20 24.98
CA PHE A 350 9.04 6.36 25.38
C PHE A 350 9.36 7.84 25.49
N ASP B 27 45.69 -24.36 -21.33
CA ASP B 27 46.58 -23.66 -20.41
C ASP B 27 47.14 -22.40 -21.05
N GLN B 28 47.98 -22.59 -22.07
CA GLN B 28 48.56 -21.46 -22.78
C GLN B 28 47.54 -20.68 -23.60
N LEU B 29 46.32 -21.20 -23.74
CA LEU B 29 45.30 -20.55 -24.54
C LEU B 29 44.83 -19.23 -23.94
N ARG B 30 45.23 -18.92 -22.70
CA ARG B 30 44.86 -17.65 -22.07
C ARG B 30 45.55 -16.46 -22.70
N GLN B 31 46.48 -16.69 -23.64
CA GLN B 31 47.18 -15.59 -24.27
C GLN B 31 46.39 -15.03 -25.46
N GLU B 32 45.91 -15.92 -26.32
CA GLU B 32 45.08 -15.50 -27.44
C GLU B 32 43.88 -14.69 -26.94
N ALA B 33 43.38 -15.02 -25.75
CA ALA B 33 42.29 -14.24 -25.17
C ALA B 33 42.70 -12.78 -24.98
N GLU B 34 43.89 -12.56 -24.43
CA GLU B 34 44.36 -11.19 -24.21
C GLU B 34 44.61 -10.48 -25.54
N GLN B 35 45.20 -11.17 -26.51
CA GLN B 35 45.42 -10.53 -27.81
C GLN B 35 44.09 -10.15 -28.47
N LEU B 36 43.11 -11.04 -28.41
CA LEU B 36 41.80 -10.73 -29.00
C LEU B 36 41.13 -9.59 -28.25
N LYS B 37 41.31 -9.53 -26.93
CA LYS B 37 40.76 -8.41 -26.16
C LYS B 37 41.39 -7.10 -26.59
N ASN B 38 42.71 -7.09 -26.78
CA ASN B 38 43.38 -5.88 -27.25
C ASN B 38 42.89 -5.49 -28.64
N GLN B 39 42.68 -6.48 -29.51
CA GLN B 39 42.18 -6.19 -30.84
C GLN B 39 40.78 -5.59 -30.77
N ILE B 40 39.92 -6.12 -29.91
CA ILE B 40 38.57 -5.59 -29.79
C ILE B 40 38.59 -4.18 -29.21
N ARG B 41 39.49 -3.93 -28.26
CA ARG B 41 39.65 -2.57 -27.74
C ARG B 41 40.04 -1.61 -28.86
N ASP B 42 41.04 -1.98 -29.65
CA ASP B 42 41.44 -1.15 -30.78
C ASP B 42 40.28 -0.95 -31.74
N ALA B 43 39.47 -1.99 -31.93
CA ALA B 43 38.31 -1.88 -32.82
C ALA B 43 37.35 -0.82 -32.33
N ARG B 44 36.78 -1.03 -31.14
CA ARG B 44 35.79 -0.09 -30.61
C ARG B 44 36.41 1.23 -30.17
N LYS B 45 37.72 1.40 -30.30
CA LYS B 45 38.36 2.69 -30.05
C LYS B 45 38.59 3.49 -31.33
N ALA B 46 39.06 2.83 -32.40
CA ALA B 46 39.33 3.54 -33.64
C ALA B 46 38.07 4.23 -34.17
N CYS B 47 36.89 3.75 -33.79
CA CYS B 47 35.63 4.33 -34.22
C CYS B 47 35.15 5.44 -33.29
N ALA B 48 36.06 6.08 -32.55
CA ALA B 48 35.72 7.10 -31.58
C ALA B 48 36.49 8.38 -31.90
N ASP B 49 35.79 9.36 -32.48
CA ASP B 49 36.37 10.67 -32.72
C ASP B 49 35.35 11.78 -32.45
N ALA B 50 34.34 11.52 -31.62
CA ALA B 50 33.20 12.42 -31.48
C ALA B 50 33.14 13.10 -30.12
N THR B 51 33.16 12.32 -29.02
CA THR B 51 32.99 12.88 -27.68
C THR B 51 31.65 13.61 -27.57
N LEU B 52 30.58 12.79 -27.66
CA LEU B 52 29.23 13.30 -27.88
C LEU B 52 28.95 14.64 -27.23
N SER B 53 29.36 14.82 -25.97
CA SER B 53 29.12 16.10 -25.30
C SER B 53 29.71 17.26 -26.09
N GLN B 54 30.74 17.00 -26.88
CA GLN B 54 31.36 18.02 -27.72
C GLN B 54 30.59 18.28 -29.00
N ILE B 55 29.49 17.56 -29.24
CA ILE B 55 28.70 17.75 -30.45
C ILE B 55 27.57 18.74 -30.23
N THR B 56 26.95 18.70 -29.05
CA THR B 56 25.75 19.49 -28.75
C THR B 56 26.09 20.87 -28.19
N ASN B 57 27.27 21.40 -28.48
CA ASN B 57 27.64 22.71 -27.95
C ASN B 57 26.69 23.81 -28.40
N ASN B 58 25.94 23.60 -29.48
CA ASN B 58 25.12 24.65 -30.08
C ASN B 58 23.62 24.44 -29.90
N ILE B 59 23.21 23.40 -29.17
CA ILE B 59 21.79 23.13 -28.97
C ILE B 59 21.26 23.98 -27.82
N ASP B 60 20.00 24.37 -27.93
CA ASP B 60 19.33 25.06 -26.84
C ASP B 60 18.90 24.05 -25.79
N PRO B 61 19.13 24.31 -24.50
CA PRO B 61 18.81 23.30 -23.49
C PRO B 61 17.32 23.09 -23.30
N VAL B 62 16.97 22.12 -22.47
CA VAL B 62 15.56 21.85 -22.18
C VAL B 62 14.93 23.03 -21.45
N GLY B 63 15.60 23.54 -20.43
CA GLY B 63 15.06 24.58 -19.59
C GLY B 63 15.14 24.17 -18.13
N ARG B 64 13.98 24.10 -17.48
CA ARG B 64 13.89 23.58 -16.13
C ARG B 64 12.54 22.89 -15.99
N ILE B 65 12.52 21.77 -15.27
CA ILE B 65 11.40 20.85 -15.27
C ILE B 65 10.96 20.63 -13.83
N GLN B 66 9.81 21.17 -13.47
CA GLN B 66 9.15 20.88 -12.20
C GLN B 66 7.96 19.99 -12.46
N MET B 67 7.71 19.06 -11.54
CA MET B 67 6.58 18.16 -11.64
C MET B 67 5.78 18.18 -10.36
N ARG B 68 4.50 17.83 -10.49
CA ARG B 68 3.54 17.91 -9.40
C ARG B 68 2.87 16.56 -9.22
N THR B 69 2.74 16.11 -7.97
CA THR B 69 2.18 14.77 -7.73
C THR B 69 0.69 14.76 -7.96
N ARG B 70 0.30 14.67 -9.21
CA ARG B 70 -1.11 14.60 -9.60
C ARG B 70 -1.86 13.59 -8.76
N ARG B 71 -1.47 12.31 -8.82
CA ARG B 71 -2.20 11.28 -8.10
C ARG B 71 -1.29 10.54 -7.13
N THR B 72 -1.92 9.98 -6.10
CA THR B 72 -1.26 9.14 -5.11
C THR B 72 -2.09 7.89 -4.93
N LEU B 73 -1.42 6.77 -4.70
CA LEU B 73 -2.05 5.45 -4.72
C LEU B 73 -1.64 4.69 -3.47
N ARG B 74 -2.60 4.43 -2.60
CA ARG B 74 -2.39 3.74 -1.34
C ARG B 74 -3.14 2.41 -1.34
N GLY B 75 -2.76 1.55 -0.40
CA GLY B 75 -3.37 0.25 -0.27
C GLY B 75 -2.35 -0.82 0.05
N HIS B 76 -1.07 -0.46 -0.05
CA HIS B 76 -0.01 -1.39 0.33
C HIS B 76 0.37 -1.19 1.77
N LEU B 77 0.71 -2.28 2.44
CA LEU B 77 1.00 -2.28 3.86
C LEU B 77 2.47 -2.52 4.14
N ALA B 78 3.32 -2.46 3.12
CA ALA B 78 4.73 -2.77 3.27
C ALA B 78 5.44 -2.29 2.00
N LYS B 79 6.71 -2.67 1.86
CA LYS B 79 7.49 -2.27 0.69
C LYS B 79 6.94 -2.83 -0.59
N ILE B 80 7.22 -2.14 -1.69
CA ILE B 80 6.76 -2.59 -3.01
C ILE B 80 8.07 -2.71 -3.76
N TYR B 81 8.23 -3.70 -4.64
CA TYR B 81 9.50 -3.97 -5.28
C TYR B 81 9.52 -3.80 -6.79
N ALA B 82 8.38 -3.66 -7.46
CA ALA B 82 8.39 -3.30 -8.86
C ALA B 82 6.99 -2.94 -9.31
N MET B 83 6.89 -2.50 -10.57
CA MET B 83 5.63 -2.08 -11.17
C MET B 83 5.80 -2.08 -12.68
N HIS B 84 4.67 -2.06 -13.39
CA HIS B 84 4.67 -2.07 -14.83
C HIS B 84 3.36 -1.46 -15.32
N TRP B 85 3.44 -0.63 -16.34
CA TRP B 85 2.24 0.02 -16.85
C TRP B 85 1.58 -0.88 -17.87
N GLY B 86 0.48 -0.42 -18.47
CA GLY B 86 -0.20 -1.13 -19.52
C GLY B 86 -0.03 -0.39 -20.84
N THR B 87 -0.40 -1.08 -21.92
CA THR B 87 -0.26 -0.48 -23.24
C THR B 87 -1.31 0.58 -23.53
N ASP B 88 -2.25 0.81 -22.62
CA ASP B 88 -3.28 1.82 -22.81
C ASP B 88 -3.00 3.09 -22.02
N SER B 89 -1.86 3.17 -21.36
CA SER B 89 -1.42 4.33 -20.58
C SER B 89 -2.27 4.57 -19.33
N ARG B 90 -3.27 3.73 -19.05
CA ARG B 90 -4.18 4.01 -17.93
C ARG B 90 -4.19 3.03 -16.77
N LEU B 91 -3.98 1.76 -17.03
CA LEU B 91 -3.88 0.78 -15.97
C LEU B 91 -2.42 0.50 -15.63
N LEU B 92 -2.18 0.06 -14.40
CA LEU B 92 -0.86 -0.42 -14.03
C LEU B 92 -0.97 -1.50 -12.97
N VAL B 93 0.18 -2.02 -12.57
CA VAL B 93 0.30 -3.18 -11.70
C VAL B 93 1.44 -2.94 -10.72
N SER B 94 1.29 -3.51 -9.53
CA SER B 94 2.30 -3.38 -8.50
C SER B 94 2.48 -4.70 -7.78
N ALA B 95 3.63 -4.89 -7.16
CA ALA B 95 3.92 -6.10 -6.39
C ALA B 95 4.61 -5.73 -5.10
N SER B 96 4.10 -6.29 -4.00
CA SER B 96 4.62 -5.93 -2.69
C SER B 96 5.00 -7.14 -1.86
N GLN B 97 5.50 -6.90 -0.66
CA GLN B 97 5.95 -7.95 0.24
C GLN B 97 4.84 -8.48 1.15
N ASP B 98 3.72 -7.80 1.23
CA ASP B 98 2.56 -8.28 1.95
C ASP B 98 1.84 -9.41 1.23
N GLY B 99 2.47 -9.98 0.20
CA GLY B 99 1.87 -11.05 -0.56
C GLY B 99 0.72 -10.55 -1.40
N LYS B 100 0.95 -9.49 -2.17
CA LYS B 100 -0.12 -8.88 -2.93
C LYS B 100 0.40 -8.32 -4.24
N LEU B 101 -0.44 -8.48 -5.26
CA LEU B 101 -0.23 -7.95 -6.60
C LEU B 101 -1.50 -7.19 -6.95
N ILE B 102 -1.40 -5.87 -7.03
CA ILE B 102 -2.59 -5.04 -7.19
C ILE B 102 -2.57 -4.36 -8.55
N ILE B 103 -3.76 -4.18 -9.11
CA ILE B 103 -3.96 -3.50 -10.38
C ILE B 103 -4.69 -2.20 -10.11
N TRP B 104 -4.22 -1.12 -10.72
CA TRP B 104 -4.74 0.22 -10.47
C TRP B 104 -5.24 0.85 -11.76
N ASP B 105 -6.32 1.61 -11.61
CA ASP B 105 -6.81 2.52 -12.63
C ASP B 105 -6.31 3.90 -12.22
N SER B 106 -5.26 4.36 -12.88
CA SER B 106 -4.53 5.54 -12.43
C SER B 106 -5.29 6.85 -12.64
N TYR B 107 -6.40 6.82 -13.37
CA TYR B 107 -7.21 8.03 -13.57
C TYR B 107 -8.21 8.25 -12.46
N THR B 108 -8.43 7.26 -11.59
CA THR B 108 -9.38 7.38 -10.49
C THR B 108 -8.86 6.77 -9.21
N THR B 109 -7.60 6.32 -9.17
CA THR B 109 -7.02 5.71 -7.98
C THR B 109 -7.85 4.55 -7.46
N ASN B 110 -8.53 3.85 -8.35
CA ASN B 110 -9.37 2.72 -8.00
C ASN B 110 -8.60 1.42 -8.19
N LYS B 111 -9.08 0.38 -7.51
CA LYS B 111 -8.49 -0.95 -7.56
C LYS B 111 -9.38 -1.85 -8.40
N VAL B 112 -8.81 -2.41 -9.45
CA VAL B 112 -9.53 -3.35 -10.31
C VAL B 112 -9.40 -4.77 -9.78
N HIS B 113 -8.18 -5.19 -9.46
CA HIS B 113 -7.91 -6.54 -8.98
C HIS B 113 -6.88 -6.48 -7.85
N ALA B 114 -7.03 -7.40 -6.90
CA ALA B 114 -6.05 -7.64 -5.85
C ALA B 114 -5.80 -9.14 -5.80
N ILE B 115 -4.61 -9.55 -6.18
CA ILE B 115 -4.28 -10.96 -6.34
C ILE B 115 -3.39 -11.38 -5.17
N PRO B 116 -3.74 -12.44 -4.45
CA PRO B 116 -2.90 -12.89 -3.34
C PRO B 116 -1.85 -13.89 -3.82
N LEU B 117 -0.66 -13.77 -3.26
CA LEU B 117 0.49 -14.53 -3.70
C LEU B 117 0.81 -15.65 -2.72
N ARG B 118 1.67 -16.55 -3.17
CA ARG B 118 2.15 -17.67 -2.37
C ARG B 118 3.53 -17.43 -1.77
N SER B 119 4.41 -16.75 -2.50
CA SER B 119 5.73 -16.36 -2.01
C SER B 119 5.79 -14.85 -1.90
N SER B 120 5.94 -14.34 -0.68
CA SER B 120 5.99 -12.91 -0.43
C SER B 120 7.36 -12.31 -0.65
N TRP B 121 8.32 -13.11 -1.14
CA TRP B 121 9.64 -12.60 -1.51
C TRP B 121 9.50 -12.30 -2.97
N VAL B 122 9.05 -11.10 -3.32
CA VAL B 122 8.73 -10.74 -4.69
C VAL B 122 9.62 -9.60 -5.14
N MET B 123 10.19 -9.73 -6.33
CA MET B 123 11.04 -8.70 -6.91
C MET B 123 10.80 -8.51 -8.40
N THR B 124 9.58 -8.79 -8.84
CA THR B 124 9.27 -8.62 -10.23
C THR B 124 7.79 -8.55 -10.50
N CYS B 125 7.42 -8.02 -11.64
CA CYS B 125 6.03 -7.98 -12.07
C CYS B 125 5.98 -7.59 -13.54
N ALA B 126 4.83 -7.81 -14.15
CA ALA B 126 4.66 -7.54 -15.57
C ALA B 126 3.18 -7.44 -15.93
N TYR B 127 2.90 -6.61 -16.93
CA TYR B 127 1.57 -6.48 -17.50
C TYR B 127 1.69 -6.76 -18.99
N ALA B 128 0.96 -7.77 -19.47
CA ALA B 128 1.06 -8.15 -20.86
C ALA B 128 0.44 -7.09 -21.76
N PRO B 129 0.86 -7.03 -23.02
CA PRO B 129 0.35 -6.00 -23.92
C PRO B 129 -1.12 -6.15 -24.22
N SER B 130 -1.54 -7.38 -24.52
CA SER B 130 -2.94 -7.65 -24.80
C SER B 130 -3.84 -7.27 -23.63
N GLY B 131 -3.29 -7.14 -22.44
CA GLY B 131 -4.06 -6.88 -21.25
C GLY B 131 -4.64 -8.10 -20.58
N ASN B 132 -4.45 -9.29 -21.16
CA ASN B 132 -5.05 -10.50 -20.61
C ASN B 132 -4.31 -10.99 -19.37
N TYR B 133 -3.01 -11.21 -19.48
CA TYR B 133 -2.24 -11.92 -18.47
C TYR B 133 -1.32 -10.97 -17.70
N VAL B 134 -0.87 -11.44 -16.54
CA VAL B 134 0.22 -10.81 -15.79
C VAL B 134 1.13 -11.90 -15.25
N ALA B 135 2.18 -11.48 -14.56
CA ALA B 135 3.22 -12.40 -14.14
C ALA B 135 4.00 -11.81 -12.97
N CYS B 136 4.41 -12.69 -12.05
CA CYS B 136 5.23 -12.31 -10.93
C CYS B 136 6.47 -13.19 -10.86
N GLY B 137 7.20 -13.12 -9.75
CA GLY B 137 8.39 -13.94 -9.60
C GLY B 137 9.30 -13.50 -8.47
N GLY B 138 9.92 -14.46 -7.79
CA GLY B 138 10.86 -14.13 -6.73
C GLY B 138 11.75 -15.28 -6.30
N LEU B 139 12.11 -15.29 -5.01
CA LEU B 139 13.02 -16.31 -4.48
C LEU B 139 12.53 -17.73 -4.64
N ASP B 140 11.25 -17.90 -4.98
CA ASP B 140 10.72 -19.23 -5.23
C ASP B 140 11.22 -19.83 -6.54
N ASN B 141 11.93 -19.08 -7.38
CA ASN B 141 12.44 -19.58 -8.68
C ASN B 141 11.30 -19.95 -9.61
N ILE B 142 10.23 -19.19 -9.60
CA ILE B 142 9.04 -19.49 -10.40
C ILE B 142 8.39 -18.19 -10.81
N CYS B 143 8.14 -18.03 -12.10
CA CYS B 143 7.39 -16.88 -12.62
C CYS B 143 5.95 -17.31 -12.85
N SER B 144 5.18 -17.31 -11.76
CA SER B 144 3.77 -17.64 -11.85
C SER B 144 3.07 -16.66 -12.79
N ILE B 145 2.20 -17.20 -13.64
CA ILE B 145 1.56 -16.45 -14.70
C ILE B 145 0.05 -16.58 -14.55
N TYR B 146 -0.62 -15.41 -14.45
CA TYR B 146 -2.01 -15.27 -14.08
C TYR B 146 -2.85 -14.77 -15.25
N ASN B 147 -4.09 -15.23 -15.31
CA ASN B 147 -5.06 -14.89 -16.33
C ASN B 147 -6.12 -13.98 -15.72
N LEU B 148 -6.34 -12.82 -16.35
CA LEU B 148 -7.25 -11.83 -15.80
C LEU B 148 -8.66 -11.92 -16.36
N LYS B 149 -8.81 -12.31 -17.61
CA LYS B 149 -10.11 -12.33 -18.27
C LYS B 149 -10.54 -13.79 -18.39
N THR B 150 -11.27 -14.26 -17.38
CA THR B 150 -11.80 -15.60 -17.34
C THR B 150 -13.23 -15.56 -16.83
N ARG B 151 -14.10 -16.33 -17.48
CA ARG B 151 -15.38 -16.61 -16.86
C ARG B 151 -15.14 -17.30 -15.53
N GLU B 152 -16.18 -17.32 -14.69
CA GLU B 152 -16.04 -17.84 -13.33
C GLU B 152 -15.73 -16.63 -12.44
N GLY B 153 -15.54 -15.47 -13.06
CA GLY B 153 -15.33 -14.24 -12.30
C GLY B 153 -14.28 -14.34 -11.22
N ASN B 154 -13.03 -14.48 -11.61
CA ASN B 154 -11.92 -14.54 -10.67
C ASN B 154 -10.63 -14.38 -11.46
N VAL B 155 -9.51 -14.48 -10.75
CA VAL B 155 -8.19 -14.29 -11.34
C VAL B 155 -7.39 -15.54 -10.98
N ARG B 156 -7.37 -16.51 -11.88
CA ARG B 156 -6.73 -17.79 -11.64
C ARG B 156 -5.29 -17.77 -12.09
N VAL B 157 -4.49 -18.64 -11.49
CA VAL B 157 -3.09 -18.81 -11.87
C VAL B 157 -3.04 -19.86 -12.96
N SER B 158 -2.63 -19.46 -14.15
CA SER B 158 -2.60 -20.39 -15.27
C SER B 158 -1.36 -21.26 -15.24
N ARG B 159 -0.19 -20.68 -14.95
CA ARG B 159 1.04 -21.48 -14.98
C ARG B 159 1.98 -21.12 -13.83
N GLU B 160 2.85 -22.08 -13.56
CA GLU B 160 4.02 -21.90 -12.70
C GLU B 160 5.21 -22.47 -13.44
N LEU B 161 6.17 -21.61 -13.78
CA LEU B 161 7.25 -21.97 -14.67
C LEU B 161 8.55 -22.12 -13.87
N ALA B 162 9.07 -23.34 -13.83
CA ALA B 162 10.30 -23.66 -13.11
C ALA B 162 11.37 -24.09 -14.08
N GLY B 163 12.60 -24.18 -13.57
CA GLY B 163 13.75 -24.48 -14.40
C GLY B 163 15.00 -23.74 -13.98
N HIS B 164 14.86 -22.82 -13.04
CA HIS B 164 15.97 -22.02 -12.55
C HIS B 164 16.49 -22.60 -11.23
N THR B 165 17.61 -22.04 -10.78
CA THR B 165 18.19 -22.38 -9.48
C THR B 165 18.69 -21.14 -8.76
N GLY B 166 18.07 -19.99 -9.03
CA GLY B 166 18.50 -18.74 -8.42
C GLY B 166 17.35 -17.94 -7.84
N TYR B 167 17.13 -16.74 -8.36
CA TYR B 167 16.05 -15.89 -7.88
C TYR B 167 15.67 -14.93 -8.99
N LEU B 168 14.44 -15.03 -9.47
CA LEU B 168 13.98 -14.20 -10.58
C LEU B 168 14.19 -12.73 -10.27
N SER B 169 14.91 -12.04 -11.14
CA SER B 169 15.10 -10.60 -11.01
C SER B 169 14.36 -9.80 -12.09
N CYS B 170 13.89 -10.42 -13.16
CA CYS B 170 13.03 -9.71 -14.09
C CYS B 170 12.37 -10.68 -15.06
N CYS B 171 11.08 -10.45 -15.31
CA CYS B 171 10.34 -11.24 -16.29
C CYS B 171 9.57 -10.28 -17.18
N ARG B 172 9.64 -10.44 -18.49
CA ARG B 172 9.02 -9.56 -19.47
C ARG B 172 8.41 -10.37 -20.60
N PHE B 173 7.23 -9.98 -21.04
CA PHE B 173 6.52 -10.72 -22.07
C PHE B 173 7.02 -10.34 -23.46
N LEU B 174 6.61 -11.14 -24.44
CA LEU B 174 6.71 -10.84 -25.86
C LEU B 174 5.35 -10.89 -26.53
N ASP B 175 4.54 -11.90 -26.21
CA ASP B 175 3.17 -12.03 -26.67
C ASP B 175 2.37 -12.56 -25.49
N ASP B 176 1.17 -13.07 -25.76
CA ASP B 176 0.42 -13.77 -24.73
C ASP B 176 0.89 -15.21 -24.55
N ASN B 177 1.89 -15.66 -25.33
CA ASN B 177 2.37 -17.03 -25.24
C ASN B 177 3.89 -17.13 -25.30
N GLN B 178 4.62 -16.06 -25.03
CA GLN B 178 6.08 -16.10 -25.03
C GLN B 178 6.60 -15.08 -24.03
N ILE B 179 7.21 -15.57 -22.97
CA ILE B 179 7.77 -14.76 -21.89
C ILE B 179 9.28 -14.99 -21.84
N VAL B 180 9.98 -14.05 -21.21
CA VAL B 180 11.42 -14.11 -21.04
C VAL B 180 11.73 -13.83 -19.58
N THR B 181 12.65 -14.60 -19.01
CA THR B 181 13.04 -14.47 -17.61
C THR B 181 14.54 -14.33 -17.50
N SER B 182 14.99 -13.73 -16.40
CA SER B 182 16.41 -13.59 -16.13
C SER B 182 16.58 -14.01 -14.68
N SER B 183 17.55 -14.89 -14.39
CA SER B 183 17.71 -15.43 -13.06
C SER B 183 19.11 -15.12 -12.53
N GLY B 184 19.23 -15.18 -11.21
CA GLY B 184 20.49 -14.98 -10.54
C GLY B 184 21.49 -16.10 -10.71
N ASP B 185 21.09 -17.22 -11.31
CA ASP B 185 22.04 -18.29 -11.54
C ASP B 185 22.87 -18.03 -12.81
N THR B 186 23.04 -16.77 -13.24
CA THR B 186 23.91 -16.36 -14.37
C THR B 186 23.34 -16.78 -15.72
N THR B 187 22.01 -16.88 -15.79
CA THR B 187 21.37 -17.31 -17.03
C THR B 187 20.08 -16.54 -17.27
N CYS B 188 19.63 -16.59 -18.52
CA CYS B 188 18.33 -16.08 -18.92
C CYS B 188 17.65 -17.13 -19.78
N ALA B 189 16.36 -16.96 -20.01
CA ALA B 189 15.60 -18.03 -20.64
C ALA B 189 14.39 -17.50 -21.38
N LEU B 190 14.08 -18.18 -22.50
CA LEU B 190 12.88 -17.88 -23.27
C LEU B 190 12.05 -19.13 -23.07
N TRP B 191 10.74 -19.01 -23.05
CA TRP B 191 9.85 -20.10 -22.67
C TRP B 191 8.67 -20.23 -23.63
N ASP B 192 7.73 -21.10 -23.25
CA ASP B 192 6.50 -21.32 -23.99
C ASP B 192 5.47 -21.82 -23.00
N ILE B 193 4.40 -21.04 -22.85
CA ILE B 193 3.42 -21.29 -21.79
C ILE B 193 2.58 -22.53 -21.91
N GLU B 194 1.90 -22.70 -23.02
CA GLU B 194 0.99 -23.83 -23.12
C GLU B 194 1.70 -25.15 -22.82
N THR B 195 3.02 -25.21 -23.00
CA THR B 195 3.81 -26.39 -22.66
C THR B 195 4.50 -26.23 -21.31
N GLY B 196 5.31 -25.18 -21.17
CA GLY B 196 6.02 -24.91 -19.93
C GLY B 196 7.51 -25.14 -20.01
N GLN B 197 8.04 -25.47 -21.18
CA GLN B 197 9.42 -25.88 -21.33
C GLN B 197 10.26 -24.77 -21.93
N GLN B 198 11.45 -24.56 -21.36
CA GLN B 198 12.41 -23.63 -21.93
C GLN B 198 12.57 -23.88 -23.41
N THR B 199 12.19 -22.88 -24.20
CA THR B 199 12.38 -22.94 -25.64
C THR B 199 13.75 -22.41 -26.05
N THR B 200 14.45 -21.76 -25.10
CA THR B 200 15.77 -21.20 -25.35
C THR B 200 16.49 -20.91 -24.05
N THR B 201 17.81 -21.04 -24.02
CA THR B 201 18.58 -20.64 -22.85
C THR B 201 19.70 -19.72 -23.28
N PHE B 202 20.02 -18.74 -22.43
CA PHE B 202 21.01 -17.71 -22.73
C PHE B 202 22.04 -17.71 -21.62
N THR B 203 23.30 -17.95 -21.98
CA THR B 203 24.39 -18.05 -21.03
C THR B 203 25.56 -17.23 -21.55
N GLY B 204 26.52 -16.97 -20.65
CA GLY B 204 27.65 -16.12 -20.96
C GLY B 204 28.00 -15.18 -19.84
N HIS B 205 27.26 -15.25 -18.74
CA HIS B 205 27.49 -14.41 -17.58
C HIS B 205 28.43 -15.08 -16.59
N THR B 206 29.05 -14.26 -15.75
CA THR B 206 29.94 -14.72 -14.70
C THR B 206 29.50 -14.15 -13.36
N GLY B 207 28.19 -14.08 -13.15
CA GLY B 207 27.67 -13.47 -11.95
C GLY B 207 26.16 -13.39 -12.01
N ASP B 208 25.59 -12.68 -11.03
CA ASP B 208 24.15 -12.58 -10.91
C ASP B 208 23.59 -11.61 -11.94
N VAL B 209 22.54 -12.05 -12.64
CA VAL B 209 21.85 -11.17 -13.57
C VAL B 209 20.83 -10.48 -12.71
N MET B 210 20.57 -9.21 -12.96
CA MET B 210 19.68 -8.42 -12.12
C MET B 210 18.74 -7.51 -12.90
N SER B 211 18.59 -7.79 -14.20
CA SER B 211 17.80 -6.90 -15.02
C SER B 211 17.38 -7.48 -16.35
N LEU B 212 16.78 -6.65 -17.20
CA LEU B 212 16.25 -7.07 -18.49
C LEU B 212 15.71 -5.84 -19.20
N SER B 213 15.60 -5.96 -20.52
CA SER B 213 14.89 -4.97 -21.31
C SER B 213 14.65 -5.50 -22.71
N LEU B 214 13.40 -5.50 -23.14
CA LEU B 214 13.04 -5.94 -24.48
C LEU B 214 13.00 -4.75 -25.42
N ALA B 215 13.06 -5.05 -26.69
CA ALA B 215 13.10 -4.00 -27.68
C ALA B 215 11.71 -3.69 -28.21
N PRO B 216 11.54 -2.55 -28.88
CA PRO B 216 10.23 -2.22 -29.44
C PRO B 216 9.80 -3.13 -30.57
N ASP B 217 10.74 -3.79 -31.25
CA ASP B 217 10.43 -4.79 -32.26
C ASP B 217 10.42 -6.20 -31.69
N THR B 218 10.46 -6.33 -30.36
CA THR B 218 10.35 -7.61 -29.67
C THR B 218 11.15 -8.72 -30.35
N ARG B 219 12.37 -8.43 -30.77
CA ARG B 219 13.25 -9.42 -31.38
C ARG B 219 14.48 -9.71 -30.54
N LEU B 220 15.25 -8.70 -30.15
CA LEU B 220 16.50 -8.91 -29.43
C LEU B 220 16.52 -8.06 -28.18
N PHE B 221 16.60 -8.72 -27.03
CA PHE B 221 16.61 -8.08 -25.73
C PHE B 221 18.04 -7.80 -25.28
N VAL B 222 18.20 -7.45 -24.00
CA VAL B 222 19.50 -7.05 -23.46
C VAL B 222 19.49 -7.34 -21.97
N SER B 223 20.66 -7.59 -21.41
CA SER B 223 20.78 -7.89 -19.99
C SER B 223 22.00 -7.20 -19.41
N GLY B 224 22.02 -7.13 -18.08
CA GLY B 224 23.13 -6.52 -17.37
C GLY B 224 23.28 -7.12 -15.99
N ALA B 225 24.49 -7.54 -15.63
CA ALA B 225 24.71 -8.41 -14.49
C ALA B 225 25.65 -7.77 -13.48
N CYS B 226 25.68 -8.37 -12.28
CA CYS B 226 26.55 -7.93 -11.21
C CYS B 226 28.02 -8.11 -11.51
N ASP B 227 28.38 -8.67 -12.66
CA ASP B 227 29.77 -8.79 -13.06
C ASP B 227 30.29 -7.53 -13.72
N ALA B 228 29.57 -6.42 -13.61
CA ALA B 228 29.96 -5.16 -14.22
C ALA B 228 30.04 -5.30 -15.74
N SER B 229 29.01 -5.92 -16.31
CA SER B 229 28.99 -6.20 -17.73
C SER B 229 27.55 -6.37 -18.19
N ALA B 230 27.29 -5.93 -19.41
CA ALA B 230 26.01 -6.10 -20.07
C ALA B 230 26.21 -6.88 -21.37
N LYS B 231 25.10 -7.39 -21.87
CA LYS B 231 25.12 -8.27 -23.02
C LYS B 231 23.92 -7.99 -23.92
N LEU B 232 24.19 -7.96 -25.22
CA LEU B 232 23.18 -7.82 -26.25
C LEU B 232 23.03 -9.18 -26.91
N TRP B 233 21.86 -9.79 -26.74
CA TRP B 233 21.56 -11.14 -27.14
C TRP B 233 20.88 -11.17 -28.50
N ASP B 234 20.42 -12.36 -28.90
CA ASP B 234 19.41 -12.55 -29.92
C ASP B 234 18.43 -13.58 -29.38
N VAL B 235 17.20 -13.60 -29.88
CA VAL B 235 16.20 -14.56 -29.45
C VAL B 235 16.12 -15.76 -30.40
N ARG B 236 15.83 -15.53 -31.69
CA ARG B 236 15.68 -16.66 -32.60
C ARG B 236 16.85 -17.62 -32.47
N GLU B 237 18.06 -17.13 -32.75
CA GLU B 237 19.25 -17.98 -32.73
C GLU B 237 19.51 -18.54 -31.35
N GLY B 238 19.86 -17.67 -30.39
CA GLY B 238 20.05 -18.09 -29.02
C GLY B 238 21.38 -17.64 -28.42
N MET B 239 22.28 -17.16 -29.26
CA MET B 239 23.64 -16.83 -28.84
C MET B 239 23.80 -15.32 -28.66
N CYS B 240 24.67 -14.95 -27.72
CA CYS B 240 25.00 -13.55 -27.49
C CYS B 240 25.47 -12.88 -28.77
N ARG B 241 25.42 -11.55 -28.81
CA ARG B 241 25.83 -10.82 -30.00
C ARG B 241 26.86 -9.77 -29.65
N GLN B 242 26.76 -9.14 -28.48
CA GLN B 242 27.75 -8.14 -28.10
C GLN B 242 27.90 -8.11 -26.58
N THR B 243 29.06 -7.67 -26.14
CA THR B 243 29.37 -7.47 -24.74
C THR B 243 29.69 -6.00 -24.50
N PHE B 244 29.42 -5.54 -23.28
CA PHE B 244 29.53 -4.13 -22.96
C PHE B 244 30.08 -3.95 -21.55
N THR B 245 31.14 -3.17 -21.45
CA THR B 245 31.77 -2.85 -20.18
C THR B 245 31.97 -1.34 -20.08
N GLY B 246 32.47 -0.89 -18.95
CA GLY B 246 32.72 0.52 -18.74
C GLY B 246 32.42 0.95 -17.32
N HIS B 247 31.76 0.10 -16.55
CA HIS B 247 31.50 0.40 -15.17
C HIS B 247 32.69 0.05 -14.29
N GLU B 248 32.60 0.34 -13.01
CA GLU B 248 33.61 -0.02 -12.03
C GLU B 248 33.00 -0.76 -10.85
N SER B 249 31.73 -1.14 -10.99
CA SER B 249 31.01 -1.80 -9.91
C SER B 249 29.87 -2.60 -10.51
N ASP B 250 28.97 -3.12 -9.67
CA ASP B 250 27.87 -3.95 -10.16
C ASP B 250 26.81 -3.15 -10.89
N ILE B 251 25.71 -3.80 -11.29
CA ILE B 251 24.66 -3.17 -12.08
C ILE B 251 23.32 -3.58 -11.52
N ASN B 252 22.35 -2.68 -11.61
CA ASN B 252 21.09 -2.84 -10.90
C ASN B 252 19.88 -2.42 -11.74
N ALA B 253 20.05 -1.94 -12.97
CA ALA B 253 18.93 -1.47 -13.77
C ALA B 253 19.39 -1.18 -15.18
N ILE B 254 18.44 -1.24 -16.12
CA ILE B 254 18.73 -1.08 -17.54
C ILE B 254 17.44 -0.83 -18.31
N CYS B 255 17.51 0.01 -19.35
CA CYS B 255 16.37 0.25 -20.24
C CYS B 255 16.90 0.65 -21.62
N PHE B 256 15.99 0.65 -22.60
CA PHE B 256 16.30 1.01 -23.97
C PHE B 256 16.07 2.49 -24.23
N PHE B 257 16.33 2.86 -25.48
CA PHE B 257 16.05 4.14 -26.07
C PHE B 257 15.09 3.90 -27.23
N PRO B 258 13.98 4.64 -27.25
CA PRO B 258 12.94 4.34 -28.24
C PRO B 258 13.39 3.79 -29.60
N ASN B 259 14.43 4.30 -30.20
CA ASN B 259 14.87 3.84 -31.49
C ASN B 259 15.56 2.50 -31.51
N GLY B 260 15.40 1.68 -30.49
CA GLY B 260 16.00 0.36 -30.49
C GLY B 260 17.41 0.34 -31.01
N ASN B 261 18.17 1.39 -30.71
CA ASN B 261 19.54 1.52 -31.17
C ASN B 261 20.44 2.04 -30.05
N ALA B 262 20.01 1.94 -28.81
CA ALA B 262 20.80 2.37 -27.67
C ALA B 262 20.11 1.87 -26.41
N PHE B 263 20.81 1.99 -25.29
CA PHE B 263 20.23 1.60 -24.01
C PHE B 263 20.97 2.33 -22.91
N ALA B 264 20.59 2.15 -21.66
CA ALA B 264 21.15 2.89 -20.54
C ALA B 264 21.22 2.03 -19.30
N THR B 265 22.37 2.03 -18.66
CA THR B 265 22.65 1.19 -17.50
C THR B 265 22.74 2.05 -16.25
N GLY B 266 22.28 1.49 -15.14
CA GLY B 266 22.37 2.14 -13.85
C GLY B 266 23.02 1.26 -12.81
N SER B 267 24.19 1.71 -12.34
CA SER B 267 24.97 0.93 -11.41
C SER B 267 24.94 1.44 -10.01
N ASP B 268 25.47 0.70 -9.04
CA ASP B 268 25.52 1.12 -7.65
C ASP B 268 26.70 2.04 -7.36
N ASP B 269 27.50 2.39 -8.36
CA ASP B 269 28.57 3.37 -8.21
C ASP B 269 28.09 4.79 -8.41
N ALA B 270 26.78 5.04 -8.26
CA ALA B 270 26.14 6.34 -8.42
C ALA B 270 26.10 6.81 -9.86
N THR B 271 26.65 6.06 -10.80
CA THR B 271 26.75 6.49 -12.18
C THR B 271 25.69 5.81 -13.04
N CYS B 272 25.24 6.51 -14.07
CA CYS B 272 24.37 5.97 -15.10
C CYS B 272 24.97 6.30 -16.45
N ARG B 273 24.90 5.35 -17.38
CA ARG B 273 25.62 5.45 -18.63
C ARG B 273 24.72 5.10 -19.80
N LEU B 274 25.11 5.61 -20.98
CA LEU B 274 24.40 5.39 -22.23
C LEU B 274 25.31 4.61 -23.16
N PHE B 275 24.86 3.44 -23.60
CA PHE B 275 25.55 2.64 -24.58
C PHE B 275 24.79 2.66 -25.91
N ASP B 276 25.56 2.56 -27.01
CA ASP B 276 24.97 2.47 -28.32
C ASP B 276 25.30 1.07 -28.83
N LEU B 277 24.61 0.62 -29.87
CA LEU B 277 24.77 -0.74 -30.37
C LEU B 277 25.49 -0.81 -31.71
N ARG B 278 25.66 0.32 -32.40
CA ARG B 278 26.34 0.32 -33.68
C ARG B 278 27.81 0.64 -33.59
N ALA B 279 28.23 1.38 -32.55
CA ALA B 279 29.63 1.70 -32.34
C ALA B 279 30.28 0.88 -31.24
N ASP B 280 29.46 0.14 -30.50
CA ASP B 280 29.96 -0.72 -29.44
C ASP B 280 30.80 0.05 -28.41
N GLN B 281 30.19 1.03 -27.77
CA GLN B 281 30.89 1.84 -26.79
C GLN B 281 29.93 2.70 -26.00
N GLU B 282 30.40 3.27 -24.91
CA GLU B 282 29.61 4.21 -24.13
C GLU B 282 29.87 5.61 -24.66
N LEU B 283 28.87 6.49 -24.49
CA LEU B 283 28.96 7.85 -25.01
C LEU B 283 29.04 8.91 -23.92
N MET B 284 28.09 8.90 -22.98
CA MET B 284 28.05 9.91 -21.94
C MET B 284 27.94 9.26 -20.58
N THR B 285 28.56 9.90 -19.59
CA THR B 285 28.54 9.44 -18.21
C THR B 285 27.82 10.48 -17.37
N TYR B 286 26.90 10.01 -16.53
CA TYR B 286 26.00 10.87 -15.77
C TYR B 286 26.36 10.76 -14.29
N SER B 287 27.10 11.75 -13.79
CA SER B 287 27.53 11.74 -12.40
C SER B 287 27.61 13.17 -11.88
N HIS B 288 27.84 13.26 -10.57
CA HIS B 288 28.05 14.55 -9.89
C HIS B 288 28.63 14.29 -8.51
N ASP B 289 29.71 14.99 -8.17
CA ASP B 289 30.48 14.65 -6.97
C ASP B 289 29.63 14.60 -5.71
N ASN B 290 28.53 15.33 -5.66
CA ASN B 290 27.68 15.38 -4.49
C ASN B 290 26.72 14.20 -4.39
N ILE B 291 26.97 13.13 -5.14
CA ILE B 291 26.12 11.95 -5.16
C ILE B 291 26.98 10.74 -4.86
N ILE B 292 26.55 9.92 -3.91
CA ILE B 292 27.33 8.76 -3.50
C ILE B 292 26.47 7.50 -3.49
N CYS B 293 25.15 7.66 -3.46
CA CYS B 293 24.25 6.53 -3.28
C CYS B 293 24.12 5.75 -4.58
N GLY B 294 23.28 4.74 -4.59
CA GLY B 294 23.22 3.77 -5.66
C GLY B 294 21.88 3.78 -6.37
N ILE B 295 21.93 3.64 -7.69
CA ILE B 295 20.73 3.65 -8.51
C ILE B 295 19.96 2.34 -8.34
N THR B 296 18.64 2.42 -8.52
CA THR B 296 17.83 1.22 -8.46
C THR B 296 16.99 1.04 -9.72
N SER B 297 16.66 2.11 -10.44
CA SER B 297 15.75 2.01 -11.58
C SER B 297 16.01 3.16 -12.52
N VAL B 298 15.73 2.92 -13.81
CA VAL B 298 16.00 3.91 -14.82
C VAL B 298 14.91 3.84 -15.88
N SER B 299 14.66 4.94 -16.58
CA SER B 299 13.64 4.99 -17.61
C SER B 299 13.89 6.20 -18.51
N PHE B 300 13.27 6.16 -19.68
CA PHE B 300 13.40 7.19 -20.70
C PHE B 300 12.04 7.85 -20.92
N SER B 301 11.98 8.74 -21.91
CA SER B 301 10.76 9.44 -22.27
C SER B 301 10.42 9.15 -23.72
N LYS B 302 9.16 9.45 -24.07
CA LYS B 302 8.67 9.10 -25.41
C LYS B 302 9.52 9.70 -26.52
N SER B 303 10.29 10.74 -26.22
CA SER B 303 11.16 11.36 -27.21
C SER B 303 12.64 11.14 -26.91
N GLY B 304 12.96 10.39 -25.86
CA GLY B 304 14.34 10.13 -25.52
C GLY B 304 15.14 11.39 -25.30
N ARG B 305 14.55 12.34 -24.54
CA ARG B 305 15.17 13.64 -24.30
C ARG B 305 15.25 13.93 -22.84
N LEU B 306 14.79 12.96 -22.06
CA LEU B 306 14.88 13.10 -20.65
C LEU B 306 14.97 11.76 -19.92
N LEU B 307 16.12 11.46 -19.31
CA LEU B 307 16.30 10.23 -18.55
C LEU B 307 15.98 10.29 -17.07
N LEU B 308 15.05 9.50 -16.59
CA LEU B 308 14.66 9.40 -15.20
C LEU B 308 15.48 8.33 -14.50
N ALA B 309 15.85 8.61 -13.25
CA ALA B 309 16.70 7.74 -12.47
C ALA B 309 16.24 7.77 -11.03
N GLY B 310 16.17 6.58 -10.41
CA GLY B 310 15.73 6.48 -9.03
C GLY B 310 16.83 6.05 -8.10
N TYR B 311 17.21 6.92 -7.16
CA TYR B 311 18.34 6.68 -6.30
C TYR B 311 17.91 6.05 -4.98
N ASP B 312 18.87 5.83 -4.09
CA ASP B 312 18.60 5.26 -2.77
C ASP B 312 18.67 6.35 -1.68
N ASP B 313 18.83 7.60 -2.07
CA ASP B 313 18.85 8.71 -1.12
C ASP B 313 17.47 9.19 -0.74
N PHE B 314 16.45 8.34 -0.92
CA PHE B 314 15.05 8.59 -0.62
C PHE B 314 14.37 9.49 -1.65
N ASN B 315 15.08 9.96 -2.68
CA ASN B 315 14.45 10.76 -3.71
C ASN B 315 14.74 10.20 -5.09
N CYS B 316 14.42 10.96 -6.12
CA CYS B 316 14.69 10.54 -7.49
C CYS B 316 15.49 11.64 -8.16
N ASN B 317 15.61 11.57 -9.49
CA ASN B 317 16.35 12.58 -10.23
C ASN B 317 15.78 12.65 -11.65
N VAL B 318 16.38 13.52 -12.44
CA VAL B 318 16.03 13.68 -13.85
C VAL B 318 17.25 14.23 -14.55
N TRP B 319 17.41 13.86 -15.82
CA TRP B 319 18.58 14.23 -16.59
C TRP B 319 18.17 14.53 -18.03
N ASP B 320 19.10 15.10 -18.78
CA ASP B 320 18.89 15.42 -20.17
C ASP B 320 19.90 14.57 -20.90
N ALA B 321 19.47 13.73 -21.82
CA ALA B 321 20.30 12.71 -22.46
C ALA B 321 21.19 13.25 -23.56
N LEU B 322 21.36 14.57 -23.65
CA LEU B 322 22.20 15.15 -24.68
C LEU B 322 23.12 16.24 -24.14
N LYS B 323 23.05 16.55 -22.85
CA LYS B 323 23.86 17.59 -22.25
C LYS B 323 24.47 17.17 -20.91
N ALA B 324 24.02 16.07 -20.33
CA ALA B 324 24.55 15.49 -19.09
C ALA B 324 24.16 16.28 -17.85
N ASP B 325 23.47 17.42 -18.00
CA ASP B 325 23.14 18.28 -16.88
C ASP B 325 21.70 18.07 -16.45
N ARG B 326 21.49 17.96 -15.14
CA ARG B 326 20.16 17.74 -14.62
C ARG B 326 19.21 18.83 -15.09
N ALA B 327 17.92 18.54 -14.99
CA ALA B 327 16.88 19.52 -15.33
C ALA B 327 15.71 19.47 -14.37
N GLY B 328 15.78 18.68 -13.31
CA GLY B 328 14.71 18.68 -12.33
C GLY B 328 14.95 17.61 -11.28
N VAL B 329 13.95 17.48 -10.40
CA VAL B 329 14.00 16.49 -9.33
C VAL B 329 12.55 16.15 -8.98
N LEU B 330 12.30 15.01 -8.37
CA LEU B 330 10.98 14.51 -8.01
C LEU B 330 10.96 14.03 -6.57
N ALA B 331 11.47 14.86 -5.66
CA ALA B 331 11.55 14.51 -4.26
C ALA B 331 10.18 14.68 -3.62
N GLY B 332 9.49 13.56 -3.40
CA GLY B 332 8.27 13.55 -2.64
C GLY B 332 8.13 12.28 -1.82
N HIS B 333 9.24 11.59 -1.64
CA HIS B 333 9.26 10.26 -1.05
C HIS B 333 9.99 10.28 0.29
N ASP B 334 9.45 9.57 1.26
CA ASP B 334 10.03 9.46 2.59
C ASP B 334 10.89 8.22 2.75
N ASN B 335 11.28 7.58 1.66
CA ASN B 335 12.11 6.38 1.71
C ASN B 335 12.64 6.11 0.31
N ARG B 336 13.35 5.00 0.15
CA ARG B 336 13.92 4.63 -1.12
C ARG B 336 13.00 4.60 -2.30
N VAL B 337 13.56 4.70 -3.48
CA VAL B 337 12.82 4.62 -4.74
C VAL B 337 13.25 3.36 -5.44
N SER B 338 12.40 2.33 -5.39
CA SER B 338 12.77 1.01 -5.88
C SER B 338 12.34 0.76 -7.32
N CYS B 339 11.30 1.43 -7.81
CA CYS B 339 10.79 1.15 -9.15
C CYS B 339 10.22 2.42 -9.76
N LEU B 340 10.10 2.38 -11.08
CA LEU B 340 9.81 3.58 -11.86
C LEU B 340 9.53 3.18 -13.29
N GLY B 341 8.64 3.92 -13.94
CA GLY B 341 8.34 3.63 -15.32
C GLY B 341 7.44 4.57 -16.09
N VAL B 342 7.95 5.10 -17.19
CA VAL B 342 7.15 5.96 -18.03
C VAL B 342 6.18 5.15 -18.86
N THR B 343 5.12 5.77 -19.34
CA THR B 343 4.07 5.12 -20.11
C THR B 343 4.30 5.32 -21.60
N ASP B 344 3.49 4.73 -22.46
CA ASP B 344 3.71 4.82 -23.90
C ASP B 344 3.31 6.18 -24.46
N ASP B 345 2.07 6.61 -24.19
CA ASP B 345 1.61 7.89 -24.72
C ASP B 345 2.54 9.01 -24.30
N GLY B 346 2.82 9.14 -23.03
CA GLY B 346 3.76 10.13 -22.54
C GLY B 346 3.23 11.02 -21.44
N MET B 347 1.92 11.08 -21.28
CA MET B 347 1.33 12.08 -20.40
C MET B 347 1.61 11.81 -18.95
N ALA B 348 2.41 10.84 -18.51
CA ALA B 348 2.53 10.59 -17.08
C ALA B 348 3.84 9.90 -16.78
N VAL B 349 4.07 9.68 -15.48
CA VAL B 349 5.28 9.04 -15.00
C VAL B 349 4.85 8.35 -13.70
N ALA B 350 5.70 7.50 -13.11
CA ALA B 350 5.38 6.81 -11.87
C ALA B 350 6.64 6.54 -11.05
N THR B 351 6.48 6.21 -9.77
CA THR B 351 7.56 5.90 -8.87
C THR B 351 7.01 5.01 -7.78
N GLY B 352 7.78 3.99 -7.41
CA GLY B 352 7.43 3.12 -6.31
C GLY B 352 8.49 3.19 -5.24
N SER B 353 8.04 3.15 -3.99
CA SER B 353 8.89 3.46 -2.86
C SER B 353 8.68 2.48 -1.73
N TRP B 354 9.69 2.32 -0.90
CA TRP B 354 9.58 1.39 0.22
C TRP B 354 8.63 1.88 1.28
N ASP B 355 8.09 3.09 1.14
CA ASP B 355 7.11 3.59 2.08
C ASP B 355 5.69 3.17 1.73
N SER B 356 5.52 2.37 0.69
CA SER B 356 4.22 1.76 0.37
C SER B 356 3.21 2.79 -0.14
N PHE B 357 3.67 3.71 -0.99
CA PHE B 357 2.81 4.71 -1.61
C PHE B 357 3.27 4.90 -3.04
N LEU B 358 2.43 4.56 -4.01
CA LEU B 358 2.74 4.82 -5.40
C LEU B 358 2.33 6.24 -5.76
N LYS B 359 3.02 6.81 -6.75
CA LYS B 359 2.82 8.19 -7.12
C LYS B 359 2.66 8.33 -8.63
N ILE B 360 1.99 9.40 -9.04
CA ILE B 360 1.74 9.67 -10.44
C ILE B 360 1.96 11.15 -10.70
N TRP B 361 3.11 11.47 -11.29
CA TRP B 361 3.50 12.82 -11.65
C TRP B 361 2.99 13.17 -13.04
N ASN B 362 3.40 14.28 -13.60
CA ASN B 362 2.95 14.58 -14.95
C ASN B 362 3.41 15.90 -15.40
N ILE C 9 40.79 -24.91 -19.66
CA ILE C 9 40.62 -25.83 -20.78
C ILE C 9 39.17 -26.28 -20.86
N ALA C 10 38.53 -26.42 -19.71
CA ALA C 10 37.13 -26.84 -19.69
C ALA C 10 36.24 -25.86 -20.45
N GLN C 11 36.52 -24.56 -20.33
CA GLN C 11 35.75 -23.53 -21.01
C GLN C 11 36.68 -22.49 -21.61
N ALA C 12 37.75 -22.93 -22.25
CA ALA C 12 38.73 -22.05 -22.87
C ALA C 12 38.79 -22.20 -24.38
N ARG C 13 37.81 -22.87 -24.99
CA ARG C 13 37.75 -23.01 -26.44
C ARG C 13 36.50 -22.36 -27.02
N LYS C 14 35.31 -22.71 -26.52
CA LYS C 14 34.09 -22.05 -26.98
C LYS C 14 34.09 -20.58 -26.56
N LEU C 15 34.64 -20.27 -25.40
CA LEU C 15 34.78 -18.87 -24.99
C LEU C 15 35.57 -18.08 -26.02
N VAL C 16 36.67 -18.64 -26.51
CA VAL C 16 37.51 -17.93 -27.47
C VAL C 16 36.82 -17.85 -28.83
N GLU C 17 36.15 -18.94 -29.23
CA GLU C 17 35.37 -18.90 -30.47
C GLU C 17 34.34 -17.78 -30.41
N GLN C 18 33.65 -17.64 -29.28
CA GLN C 18 32.65 -16.58 -29.14
C GLN C 18 33.30 -15.21 -29.19
N LEU C 19 34.34 -15.01 -28.38
CA LEU C 19 35.05 -13.72 -28.42
C LEU C 19 35.50 -13.38 -29.83
N LYS C 20 35.79 -14.38 -30.65
CA LYS C 20 36.11 -14.13 -32.05
C LYS C 20 34.86 -13.81 -32.85
N MET C 21 33.71 -14.39 -32.48
CA MET C 21 32.47 -14.10 -33.16
C MET C 21 32.02 -12.65 -32.99
N GLU C 22 32.65 -11.90 -32.10
CA GLU C 22 32.27 -10.51 -31.85
C GLU C 22 33.09 -9.54 -32.67
N ALA C 23 34.42 -9.66 -32.60
CA ALA C 23 35.30 -8.69 -33.26
C ALA C 23 35.04 -8.57 -34.75
N ASN C 24 34.41 -9.56 -35.37
CA ASN C 24 34.22 -9.58 -36.82
C ASN C 24 32.85 -8.99 -37.17
N ILE C 25 32.72 -7.69 -36.92
CA ILE C 25 31.50 -6.96 -37.23
C ILE C 25 31.85 -5.53 -37.58
N ASP C 26 31.10 -4.95 -38.51
CA ASP C 26 31.28 -3.55 -38.85
C ASP C 26 30.95 -2.67 -37.65
N ARG C 27 31.67 -1.56 -37.53
CA ARG C 27 31.53 -0.65 -36.39
C ARG C 27 31.63 0.77 -36.90
N ILE C 28 30.50 1.48 -36.93
CA ILE C 28 30.45 2.86 -37.37
C ILE C 28 31.12 3.75 -36.33
N LYS C 29 31.36 5.00 -36.68
CA LYS C 29 31.92 5.96 -35.73
C LYS C 29 30.82 6.47 -34.81
N VAL C 30 31.19 7.39 -33.92
CA VAL C 30 30.27 7.85 -32.89
C VAL C 30 29.44 9.05 -33.35
N SER C 31 29.97 9.86 -34.26
CA SER C 31 29.28 11.09 -34.64
C SER C 31 27.96 10.80 -35.33
N LYS C 32 27.94 9.80 -36.22
CA LYS C 32 26.69 9.46 -36.89
C LYS C 32 25.64 8.96 -35.90
N ALA C 33 26.06 8.18 -34.92
CA ALA C 33 25.13 7.71 -33.90
C ALA C 33 24.57 8.88 -33.10
N ALA C 34 25.43 9.78 -32.66
CA ALA C 34 24.96 10.96 -31.94
C ALA C 34 24.00 11.76 -32.80
N ALA C 35 24.28 11.89 -34.09
CA ALA C 35 23.41 12.65 -34.98
C ALA C 35 22.05 12.00 -35.08
N ASP C 36 22.02 10.67 -35.27
CA ASP C 36 20.75 9.96 -35.31
C ASP C 36 19.96 10.14 -34.03
N LEU C 37 20.65 10.08 -32.89
CA LEU C 37 19.99 10.26 -31.61
C LEU C 37 19.34 11.63 -31.51
N MET C 38 20.13 12.69 -31.77
CA MET C 38 19.58 14.03 -31.66
C MET C 38 18.48 14.27 -32.68
N ALA C 39 18.56 13.63 -33.85
CA ALA C 39 17.51 13.79 -34.85
C ALA C 39 16.20 13.15 -34.38
N TYR C 40 16.28 11.92 -33.87
CA TYR C 40 15.09 11.30 -33.31
C TYR C 40 14.53 12.12 -32.16
N CYS C 41 15.41 12.80 -31.42
CA CYS C 41 14.94 13.61 -30.31
C CYS C 41 14.23 14.87 -30.81
N GLU C 42 14.72 15.45 -31.91
CA GLU C 42 14.10 16.65 -32.45
C GLU C 42 12.75 16.33 -33.10
N ALA C 43 12.76 15.39 -34.05
CA ALA C 43 11.55 15.09 -34.81
C ALA C 43 10.38 14.65 -33.94
N HIS C 44 10.59 14.38 -32.65
CA HIS C 44 9.53 13.97 -31.75
C HIS C 44 9.43 14.87 -30.53
N ALA C 45 10.16 15.98 -30.50
CA ALA C 45 10.13 16.87 -29.35
C ALA C 45 8.80 17.61 -29.19
N LYS C 46 7.88 17.46 -30.14
CA LYS C 46 6.60 18.16 -30.09
C LYS C 46 5.52 17.38 -29.37
N GLU C 47 5.69 16.07 -29.24
CA GLU C 47 4.73 15.20 -28.56
C GLU C 47 5.37 14.54 -27.35
N ASP C 48 6.11 15.31 -26.58
CA ASP C 48 6.70 14.89 -25.31
C ASP C 48 5.95 15.61 -24.19
N PRO C 49 4.86 15.06 -23.69
CA PRO C 49 4.05 15.77 -22.68
C PRO C 49 4.79 16.18 -21.43
N LEU C 50 6.05 15.75 -21.29
CA LEU C 50 6.87 16.10 -20.16
C LEU C 50 7.94 17.11 -20.51
N LEU C 51 8.40 17.09 -21.75
CA LEU C 51 9.37 18.08 -22.20
C LEU C 51 8.66 19.36 -22.60
N THR C 52 7.36 19.27 -22.89
CA THR C 52 6.57 20.43 -23.30
C THR C 52 5.20 20.31 -22.63
N PRO C 53 5.03 20.89 -21.44
CA PRO C 53 3.79 20.66 -20.69
C PRO C 53 2.57 21.05 -21.50
N VAL C 54 1.54 20.21 -21.43
CA VAL C 54 0.31 20.41 -22.18
C VAL C 54 -0.68 21.23 -21.34
N PRO C 55 -1.66 21.87 -21.96
CA PRO C 55 -2.71 22.53 -21.17
C PRO C 55 -3.53 21.52 -20.37
N ALA C 56 -4.32 22.04 -19.44
CA ALA C 56 -5.08 21.19 -18.55
C ALA C 56 -6.25 20.51 -19.23
N SER C 57 -6.40 20.63 -20.55
CA SER C 57 -7.46 19.89 -21.25
C SER C 57 -7.00 18.47 -21.54
N GLU C 58 -5.94 18.32 -22.33
CA GLU C 58 -5.35 17.01 -22.60
C GLU C 58 -4.35 16.69 -21.49
N ASN C 59 -4.89 16.48 -20.30
CA ASN C 59 -4.11 16.20 -19.11
C ASN C 59 -5.03 15.57 -18.07
N PRO C 60 -5.46 14.33 -18.28
CA PRO C 60 -6.46 13.72 -17.38
C PRO C 60 -5.98 13.52 -15.96
N PHE C 61 -4.77 13.92 -15.63
CA PHE C 61 -4.28 13.85 -14.27
C PHE C 61 -4.34 15.24 -13.61
N VAL D 1 -21.30 -22.25 -17.63
CA VAL D 1 -21.89 -21.61 -16.47
C VAL D 1 -23.38 -21.94 -16.40
N GLN D 2 -23.97 -21.74 -15.23
CA GLN D 2 -25.39 -21.99 -15.02
C GLN D 2 -25.99 -20.88 -14.17
N LEU D 3 -27.29 -20.65 -14.39
CA LEU D 3 -28.06 -19.75 -13.54
C LEU D 3 -29.51 -20.21 -13.66
N VAL D 4 -29.98 -20.96 -12.68
CA VAL D 4 -31.31 -21.53 -12.72
C VAL D 4 -32.24 -20.68 -11.86
N GLU D 5 -33.52 -20.68 -12.21
CA GLU D 5 -34.53 -19.94 -11.48
C GLU D 5 -35.70 -20.85 -11.18
N SER D 6 -36.29 -20.68 -10.00
CA SER D 6 -37.44 -21.47 -9.58
C SER D 6 -38.37 -20.59 -8.77
N GLY D 7 -39.59 -21.08 -8.55
CA GLY D 7 -40.60 -20.39 -7.79
C GLY D 7 -41.85 -20.05 -8.58
N GLY D 8 -41.70 -19.83 -9.89
CA GLY D 8 -42.82 -19.45 -10.73
C GLY D 8 -43.99 -20.39 -10.62
N GLY D 9 -45.16 -19.96 -11.09
CA GLY D 9 -46.35 -20.77 -11.03
C GLY D 9 -47.63 -20.00 -11.25
N LEU D 10 -48.69 -20.37 -10.53
CA LEU D 10 -50.00 -19.77 -10.70
C LEU D 10 -50.57 -19.47 -9.32
N VAL D 11 -50.90 -18.19 -9.08
CA VAL D 11 -51.41 -17.74 -7.80
C VAL D 11 -52.70 -16.96 -8.03
N GLN D 12 -53.35 -16.60 -6.94
CA GLN D 12 -54.53 -15.76 -6.94
C GLN D 12 -54.13 -14.31 -6.67
N PRO D 13 -54.88 -13.34 -7.19
CA PRO D 13 -54.52 -11.94 -6.95
C PRO D 13 -54.50 -11.61 -5.47
N GLY D 14 -53.63 -10.66 -5.12
CA GLY D 14 -53.46 -10.25 -3.74
C GLY D 14 -52.45 -11.07 -2.95
N GLY D 15 -52.20 -12.31 -3.36
CA GLY D 15 -51.28 -13.17 -2.64
C GLY D 15 -49.85 -12.67 -2.71
N SER D 16 -48.95 -13.57 -2.34
CA SER D 16 -47.52 -13.29 -2.31
C SER D 16 -46.77 -14.53 -2.80
N ARG D 17 -45.55 -14.31 -3.30
CA ARG D 17 -44.77 -15.42 -3.88
C ARG D 17 -43.28 -15.13 -3.92
N LYS D 18 -42.46 -16.17 -3.87
CA LYS D 18 -41.01 -16.06 -3.82
C LYS D 18 -40.39 -16.67 -5.07
N LEU D 19 -39.22 -16.15 -5.44
CA LEU D 19 -38.50 -16.62 -6.61
C LEU D 19 -37.02 -16.70 -6.28
N SER D 20 -36.38 -17.79 -6.67
CA SER D 20 -35.03 -18.12 -6.21
C SER D 20 -34.12 -18.41 -7.40
N CYS D 21 -32.91 -17.84 -7.32
CA CYS D 21 -31.91 -18.08 -8.33
C CYS D 21 -30.82 -18.93 -7.72
N SER D 22 -30.25 -19.85 -8.47
CA SER D 22 -29.19 -20.74 -8.05
C SER D 22 -28.08 -20.68 -9.08
N ALA D 23 -26.88 -20.30 -8.63
CA ALA D 23 -25.73 -20.13 -9.49
C ALA D 23 -24.77 -21.31 -9.32
N SER D 24 -23.98 -21.55 -10.37
CA SER D 24 -23.02 -22.65 -10.35
C SER D 24 -21.92 -22.34 -11.36
N GLY D 25 -20.75 -21.92 -10.90
CA GLY D 25 -19.63 -21.73 -11.82
C GLY D 25 -18.95 -20.39 -11.81
N PHE D 26 -19.20 -19.56 -10.80
CA PHE D 26 -18.50 -18.30 -10.74
C PHE D 26 -18.48 -17.68 -9.35
N ALA D 27 -17.71 -16.60 -9.21
CA ALA D 27 -17.60 -15.88 -7.95
C ALA D 27 -18.84 -14.99 -7.75
N PHE D 28 -19.95 -15.64 -7.40
CA PHE D 28 -21.18 -14.93 -7.09
C PHE D 28 -20.93 -13.68 -6.28
N SER D 29 -20.14 -13.79 -5.21
CA SER D 29 -19.94 -12.69 -4.28
C SER D 29 -19.35 -11.45 -4.95
N SER D 30 -18.82 -11.58 -6.17
CA SER D 30 -18.20 -10.46 -6.87
C SER D 30 -19.04 -9.97 -8.04
N PHE D 31 -20.34 -10.24 -7.99
CA PHE D 31 -21.21 -9.90 -9.11
C PHE D 31 -22.53 -9.27 -8.80
N GLY D 32 -22.80 -8.08 -9.32
CA GLY D 32 -24.14 -7.55 -9.24
C GLY D 32 -25.14 -8.48 -9.86
N MET D 33 -26.41 -8.26 -9.55
CA MET D 33 -27.47 -9.11 -10.06
C MET D 33 -28.74 -8.29 -10.24
N HIS D 34 -29.49 -8.60 -11.29
CA HIS D 34 -30.73 -7.92 -11.61
C HIS D 34 -31.88 -8.92 -11.59
N TRP D 35 -33.05 -8.45 -12.03
CA TRP D 35 -34.20 -9.30 -12.34
C TRP D 35 -34.95 -8.60 -13.47
N VAL D 36 -34.63 -8.96 -14.70
CA VAL D 36 -35.37 -8.45 -15.84
C VAL D 36 -36.66 -9.25 -15.98
N ARG D 37 -37.66 -8.63 -16.62
CA ARG D 37 -38.97 -9.22 -16.77
C ARG D 37 -39.42 -9.10 -18.22
N GLN D 38 -40.25 -10.04 -18.64
CA GLN D 38 -40.83 -10.01 -19.97
C GLN D 38 -42.23 -10.59 -19.93
N ALA D 39 -43.13 -9.95 -20.64
CA ALA D 39 -44.52 -10.37 -20.71
C ALA D 39 -44.70 -11.29 -21.90
N PRO D 40 -45.90 -11.84 -22.13
CA PRO D 40 -46.06 -12.81 -23.21
C PRO D 40 -45.60 -12.31 -24.57
N GLU D 41 -46.11 -11.16 -25.01
CA GLU D 41 -45.83 -10.63 -26.34
C GLU D 41 -45.49 -9.15 -26.27
N LYS D 42 -44.59 -8.78 -25.38
CA LYS D 42 -44.16 -7.40 -25.22
C LYS D 42 -42.65 -7.38 -24.97
N GLY D 43 -42.14 -6.23 -24.55
CA GLY D 43 -40.72 -6.04 -24.35
C GLY D 43 -40.29 -6.35 -22.94
N LEU D 44 -39.05 -5.97 -22.64
CA LEU D 44 -38.43 -6.25 -21.35
C LEU D 44 -38.49 -5.03 -20.44
N GLU D 45 -38.63 -5.29 -19.14
CA GLU D 45 -38.67 -4.24 -18.14
C GLU D 45 -37.76 -4.61 -16.97
N TRP D 46 -36.94 -3.66 -16.54
CA TRP D 46 -36.04 -3.90 -15.42
C TRP D 46 -36.79 -3.79 -14.10
N VAL D 47 -36.31 -4.49 -13.08
CA VAL D 47 -37.02 -4.49 -11.81
C VAL D 47 -36.15 -4.33 -10.58
N ALA D 48 -34.82 -4.49 -10.67
CA ALA D 48 -34.05 -4.43 -9.43
C ALA D 48 -32.56 -4.44 -9.74
N TYR D 49 -31.78 -4.21 -8.70
CA TYR D 49 -30.32 -4.33 -8.75
C TYR D 49 -29.74 -4.39 -7.35
N ILE D 50 -29.05 -5.51 -7.07
CA ILE D 50 -28.34 -5.70 -5.82
C ILE D 50 -26.89 -5.68 -6.24
N SER D 51 -25.98 -5.28 -5.36
CA SER D 51 -24.57 -5.12 -5.71
C SER D 51 -23.71 -6.10 -4.93
N SER D 52 -22.40 -5.98 -5.10
CA SER D 52 -21.44 -6.79 -4.37
C SER D 52 -21.24 -6.20 -2.99
N GLY D 53 -21.56 -6.98 -1.96
CA GLY D 53 -21.56 -6.50 -0.60
C GLY D 53 -22.95 -6.26 -0.03
N SER D 54 -23.97 -6.23 -0.88
CA SER D 54 -25.37 -6.06 -0.53
C SER D 54 -25.68 -4.64 -0.11
N GLY D 55 -24.71 -3.74 -0.11
CA GLY D 55 -24.95 -2.38 0.33
C GLY D 55 -25.40 -1.46 -0.78
N THR D 56 -26.31 -1.94 -1.62
CA THR D 56 -26.89 -1.14 -2.69
C THR D 56 -28.11 -1.85 -3.27
N ILE D 57 -29.22 -1.15 -3.37
CA ILE D 57 -30.46 -1.74 -3.87
C ILE D 57 -31.29 -0.65 -4.52
N TYR D 58 -31.76 -0.93 -5.72
CA TYR D 58 -32.65 -0.06 -6.47
C TYR D 58 -33.93 -0.82 -6.79
N TYR D 59 -34.85 -0.12 -7.44
CA TYR D 59 -36.16 -0.67 -7.77
C TYR D 59 -36.77 0.18 -8.87
N ALA D 60 -37.87 -0.31 -9.42
CA ALA D 60 -38.59 0.45 -10.42
C ALA D 60 -39.70 1.25 -9.75
N ASP D 61 -40.01 2.40 -10.34
CA ASP D 61 -41.04 3.27 -9.78
C ASP D 61 -42.38 2.57 -9.63
N THR D 62 -42.54 1.39 -10.23
CA THR D 62 -43.79 0.65 -10.21
C THR D 62 -43.91 -0.30 -9.04
N VAL D 63 -42.82 -0.60 -8.33
CA VAL D 63 -42.80 -1.78 -7.46
C VAL D 63 -42.30 -1.49 -6.05
N LYS D 64 -41.71 -0.33 -5.82
CA LYS D 64 -41.17 -0.02 -4.51
C LYS D 64 -42.23 -0.25 -3.43
N GLY D 65 -41.89 -1.08 -2.45
CA GLY D 65 -42.77 -1.33 -1.33
C GLY D 65 -43.20 -2.78 -1.17
N ARG D 66 -43.48 -3.46 -2.29
CA ARG D 66 -43.99 -4.82 -2.24
C ARG D 66 -43.02 -5.85 -2.78
N PHE D 67 -41.99 -5.45 -3.52
CA PHE D 67 -40.95 -6.35 -4.00
C PHE D 67 -39.69 -6.17 -3.18
N THR D 68 -39.20 -7.28 -2.63
CA THR D 68 -38.02 -7.28 -1.76
C THR D 68 -36.97 -8.20 -2.34
N ILE D 69 -35.83 -7.64 -2.70
CA ILE D 69 -34.69 -8.40 -3.21
C ILE D 69 -33.84 -8.82 -2.03
N SER D 70 -33.19 -9.98 -2.16
CA SER D 70 -32.35 -10.50 -1.09
C SER D 70 -31.26 -11.39 -1.67
N ARG D 71 -30.18 -11.50 -0.91
CA ARG D 71 -29.05 -12.29 -1.38
C ARG D 71 -28.33 -13.06 -0.28
N ASP D 72 -28.01 -14.31 -0.55
CA ASP D 72 -27.27 -15.19 0.35
C ASP D 72 -26.02 -15.66 -0.38
N ASP D 73 -24.90 -14.99 -0.13
CA ASP D 73 -23.68 -15.29 -0.88
C ASP D 73 -23.12 -16.68 -0.62
N PRO D 74 -23.11 -17.21 0.62
CA PRO D 74 -22.48 -18.51 0.84
C PRO D 74 -23.06 -19.61 -0.04
N LYS D 75 -24.37 -19.79 0.03
CA LYS D 75 -25.05 -20.82 -0.75
C LYS D 75 -25.34 -20.37 -2.18
N ASN D 76 -24.74 -19.26 -2.63
CA ASN D 76 -24.85 -18.81 -4.02
C ASN D 76 -26.31 -18.84 -4.50
N THR D 77 -27.12 -17.98 -3.89
CA THR D 77 -28.56 -18.02 -4.09
C THR D 77 -29.15 -16.63 -3.98
N LEU D 78 -29.97 -16.24 -4.95
CA LEU D 78 -30.61 -14.93 -4.94
C LEU D 78 -32.08 -15.11 -4.64
N PHE D 79 -32.77 -14.02 -4.30
CA PHE D 79 -34.16 -14.12 -3.89
C PHE D 79 -34.94 -12.86 -4.24
N LEU D 80 -36.19 -13.07 -4.65
CA LEU D 80 -37.16 -12.01 -4.83
C LEU D 80 -38.42 -12.40 -4.09
N GLN D 81 -38.98 -11.47 -3.32
CA GLN D 81 -40.20 -11.68 -2.56
C GLN D 81 -41.26 -10.70 -3.06
N MET D 82 -42.46 -11.20 -3.30
CA MET D 82 -43.55 -10.43 -3.89
C MET D 82 -44.73 -10.42 -2.94
N THR D 83 -45.29 -9.23 -2.72
CA THR D 83 -46.52 -9.05 -1.97
C THR D 83 -47.50 -8.24 -2.80
N SER D 84 -48.79 -8.45 -2.56
CA SER D 84 -49.85 -7.65 -3.18
C SER D 84 -49.75 -7.70 -4.70
N LEU D 85 -49.94 -8.90 -5.24
CA LEU D 85 -49.79 -9.10 -6.67
C LEU D 85 -50.98 -8.51 -7.44
N ARG D 86 -50.80 -8.42 -8.75
CA ARG D 86 -51.83 -7.93 -9.66
C ARG D 86 -51.71 -8.69 -10.98
N SER D 87 -52.40 -8.22 -12.00
CA SER D 87 -52.34 -8.84 -13.31
C SER D 87 -51.25 -8.24 -14.19
N GLU D 88 -50.88 -6.99 -13.94
CA GLU D 88 -49.73 -6.40 -14.64
C GLU D 88 -48.41 -7.05 -14.23
N ASP D 89 -48.43 -7.93 -13.23
CA ASP D 89 -47.25 -8.66 -12.80
C ASP D 89 -47.24 -10.09 -13.34
N THR D 90 -47.98 -10.34 -14.42
CA THR D 90 -47.96 -11.65 -15.08
C THR D 90 -46.86 -11.59 -16.11
N ALA D 91 -45.83 -12.41 -15.97
CA ALA D 91 -44.67 -12.32 -16.85
C ALA D 91 -43.64 -13.39 -16.58
N MET D 92 -42.58 -13.39 -17.37
CA MET D 92 -41.45 -14.29 -17.21
C MET D 92 -40.26 -13.50 -16.68
N TYR D 93 -39.61 -14.03 -15.66
CA TYR D 93 -38.53 -13.34 -14.95
C TYR D 93 -37.20 -14.04 -15.19
N TYR D 94 -36.16 -13.20 -15.32
CA TYR D 94 -34.85 -13.71 -15.66
C TYR D 94 -33.74 -13.29 -14.74
N CYS D 95 -33.05 -14.26 -14.17
CA CYS D 95 -31.87 -14.01 -13.35
C CYS D 95 -30.70 -13.67 -14.25
N VAL D 96 -29.93 -12.68 -13.82
CA VAL D 96 -28.88 -12.14 -14.67
C VAL D 96 -27.59 -11.80 -13.92
N ARG D 97 -26.54 -11.43 -14.64
CA ARG D 97 -25.22 -11.12 -14.13
C ARG D 97 -24.86 -9.69 -14.44
N SER D 98 -23.94 -9.14 -13.64
CA SER D 98 -23.39 -7.83 -13.90
C SER D 98 -22.15 -7.59 -13.05
N ILE D 99 -21.02 -7.30 -13.71
CA ILE D 99 -19.81 -6.95 -13.00
C ILE D 99 -19.37 -5.62 -13.57
N TYR D 100 -18.94 -4.71 -12.71
CA TYR D 100 -18.54 -3.38 -13.13
C TYR D 100 -17.11 -3.10 -12.67
N TYR D 101 -16.24 -2.81 -13.63
CA TYR D 101 -14.87 -2.39 -13.45
C TYR D 101 -14.32 -2.09 -14.83
N TYR D 102 -13.22 -1.35 -14.89
CA TYR D 102 -12.76 -0.85 -16.18
C TYR D 102 -12.38 -1.98 -17.12
N GLY D 103 -13.22 -2.23 -18.11
CA GLY D 103 -12.98 -3.26 -19.09
C GLY D 103 -14.02 -4.36 -19.00
N SER D 104 -15.12 -4.06 -18.34
CA SER D 104 -16.12 -5.06 -17.98
C SER D 104 -16.96 -5.43 -19.19
N SER D 105 -18.01 -6.21 -18.95
CA SER D 105 -18.96 -6.63 -19.97
C SER D 105 -20.29 -6.99 -19.31
N PRO D 106 -21.01 -6.01 -18.79
CA PRO D 106 -22.29 -6.30 -18.14
C PRO D 106 -23.25 -7.10 -18.99
N PHE D 107 -24.28 -7.64 -18.34
CA PHE D 107 -25.28 -8.49 -18.97
C PHE D 107 -24.63 -9.47 -19.93
N ASP D 108 -23.72 -10.28 -19.38
CA ASP D 108 -22.95 -11.22 -20.17
C ASP D 108 -23.42 -12.66 -20.01
N PHE D 109 -24.35 -12.93 -19.10
CA PHE D 109 -24.97 -14.24 -19.03
C PHE D 109 -26.37 -14.12 -18.46
N TRP D 110 -27.37 -14.34 -19.31
CA TRP D 110 -28.75 -14.42 -18.88
C TRP D 110 -29.14 -15.85 -18.60
N GLY D 111 -30.03 -16.02 -17.63
CA GLY D 111 -30.59 -17.32 -17.31
C GLY D 111 -31.64 -17.74 -18.31
N GLN D 112 -32.59 -18.54 -17.82
CA GLN D 112 -33.71 -19.01 -18.62
C GLN D 112 -35.05 -18.55 -18.07
N GLY D 113 -35.14 -18.31 -16.76
CA GLY D 113 -36.24 -17.59 -16.17
C GLY D 113 -37.43 -18.47 -15.84
N THR D 114 -38.25 -17.98 -14.92
CA THR D 114 -39.49 -18.63 -14.51
C THR D 114 -40.67 -17.85 -15.07
N THR D 115 -41.86 -18.42 -14.89
CA THR D 115 -43.10 -17.82 -15.38
C THR D 115 -44.07 -17.67 -14.22
N LEU D 116 -44.75 -16.53 -14.16
CA LEU D 116 -45.75 -16.28 -13.13
C LEU D 116 -46.99 -15.70 -13.80
N THR D 117 -48.13 -16.36 -13.61
CA THR D 117 -49.39 -15.95 -14.19
C THR D 117 -50.44 -15.84 -13.09
N VAL D 118 -51.51 -15.09 -13.40
CA VAL D 118 -52.60 -14.87 -12.47
C VAL D 118 -53.87 -14.56 -13.25
N SER D 119 -55.01 -14.74 -12.60
CA SER D 119 -56.30 -14.44 -13.22
C SER D 119 -56.52 -12.92 -13.26
N SER D 120 -57.69 -12.53 -13.74
CA SER D 120 -58.03 -11.12 -13.84
C SER D 120 -58.94 -10.69 -12.69
N SER D 135 -39.75 11.47 -15.65
CA SER D 135 -38.34 11.84 -15.58
C SER D 135 -37.44 10.71 -16.07
N ASP D 136 -38.05 9.60 -16.47
CA ASP D 136 -37.30 8.44 -16.94
C ASP D 136 -37.04 8.53 -18.42
N ILE D 137 -35.81 8.17 -18.82
CA ILE D 137 -35.46 8.20 -20.24
C ILE D 137 -36.31 7.19 -20.99
N VAL D 138 -36.60 7.51 -22.24
CA VAL D 138 -37.37 6.65 -23.13
C VAL D 138 -36.53 6.35 -24.36
N MET D 139 -36.60 5.11 -24.84
CA MET D 139 -35.88 4.67 -26.02
C MET D 139 -36.91 4.15 -27.02
N THR D 140 -36.95 4.77 -28.19
CA THR D 140 -38.02 4.53 -29.16
C THR D 140 -37.55 3.49 -30.17
N GLN D 141 -38.19 2.33 -30.14
CA GLN D 141 -37.87 1.22 -31.03
C GLN D 141 -39.08 1.04 -31.93
N ALA D 142 -39.09 1.78 -33.05
CA ALA D 142 -40.29 1.87 -33.88
C ALA D 142 -40.56 0.57 -34.61
N THR D 143 -39.63 0.14 -35.45
CA THR D 143 -39.85 -1.03 -36.29
C THR D 143 -40.33 -2.20 -35.46
N SER D 144 -41.13 -3.06 -36.08
CA SER D 144 -41.60 -4.28 -35.43
C SER D 144 -41.62 -5.48 -36.38
N SER D 145 -41.08 -5.34 -37.58
CA SER D 145 -40.98 -6.44 -38.54
C SER D 145 -40.13 -5.99 -39.71
N VAL D 146 -39.33 -6.92 -40.23
CA VAL D 146 -38.45 -6.63 -41.37
C VAL D 146 -38.21 -7.92 -42.13
N PRO D 147 -38.68 -8.05 -43.37
CA PRO D 147 -38.41 -9.27 -44.14
C PRO D 147 -37.01 -9.25 -44.74
N VAL D 148 -36.37 -10.41 -44.72
CA VAL D 148 -35.00 -10.53 -45.22
C VAL D 148 -34.79 -11.90 -45.87
N THR D 149 -33.60 -12.11 -46.41
CA THR D 149 -33.19 -13.35 -47.04
C THR D 149 -31.68 -13.44 -46.85
N PRO D 150 -31.12 -14.62 -46.64
CA PRO D 150 -29.68 -14.71 -46.38
C PRO D 150 -28.87 -13.89 -47.38
N GLY D 151 -27.68 -13.47 -46.95
CA GLY D 151 -26.88 -12.53 -47.70
C GLY D 151 -27.27 -11.08 -47.54
N GLU D 152 -28.45 -10.79 -47.00
CA GLU D 152 -28.90 -9.42 -46.84
C GLU D 152 -28.19 -8.78 -45.65
N SER D 153 -27.78 -7.53 -45.84
CA SER D 153 -27.10 -6.75 -44.80
C SER D 153 -28.08 -5.69 -44.29
N VAL D 154 -28.39 -5.76 -42.99
CA VAL D 154 -29.39 -4.88 -42.42
C VAL D 154 -28.81 -3.94 -41.40
N SER D 155 -29.57 -2.92 -40.99
CA SER D 155 -29.10 -1.94 -40.01
C SER D 155 -30.32 -1.50 -39.21
N ILE D 156 -30.36 -1.88 -37.93
CA ILE D 156 -31.51 -1.60 -37.08
C ILE D 156 -31.27 -0.29 -36.35
N SER D 157 -32.37 0.35 -35.93
CA SER D 157 -32.35 1.70 -35.39
C SER D 157 -32.86 1.73 -33.96
N CYS D 158 -32.25 2.59 -33.15
CA CYS D 158 -32.70 2.87 -31.79
C CYS D 158 -32.44 4.33 -31.52
N ARG D 159 -33.44 5.02 -30.97
CA ARG D 159 -33.38 6.45 -30.76
C ARG D 159 -33.78 6.78 -29.34
N SER D 160 -33.16 7.79 -28.76
CA SER D 160 -33.44 8.09 -27.38
C SER D 160 -34.04 9.44 -27.18
N SER D 161 -34.51 9.67 -25.98
CA SER D 161 -35.13 10.93 -25.58
C SER D 161 -34.17 11.83 -24.82
N LYS D 162 -32.87 11.58 -24.96
CA LYS D 162 -31.85 12.29 -24.20
C LYS D 162 -30.49 11.78 -24.70
N SER D 163 -29.43 12.50 -24.35
CA SER D 163 -28.10 12.06 -24.75
C SER D 163 -27.60 11.03 -23.77
N LEU D 164 -27.14 9.89 -24.31
CA LEU D 164 -26.66 8.80 -23.48
C LEU D 164 -25.20 9.00 -23.11
N LEU D 165 -24.43 9.66 -23.97
CA LEU D 165 -23.02 9.85 -23.69
C LEU D 165 -22.71 10.66 -22.45
N HIS D 166 -22.06 9.98 -21.48
CA HIS D 166 -21.62 10.64 -20.27
C HIS D 166 -20.35 11.38 -20.60
N SER D 167 -20.01 12.41 -19.82
CA SER D 167 -18.86 13.23 -20.14
C SER D 167 -17.54 12.47 -20.07
N ASN D 168 -17.52 11.28 -19.47
CA ASN D 168 -16.28 10.53 -19.33
C ASN D 168 -15.85 9.84 -20.62
N GLY D 169 -16.51 10.12 -21.74
CA GLY D 169 -16.08 9.64 -23.04
C GLY D 169 -16.78 8.40 -23.55
N ASN D 170 -17.80 7.92 -22.84
CA ASN D 170 -18.44 6.65 -23.15
C ASN D 170 -19.78 6.89 -23.84
N THR D 171 -20.49 5.78 -24.10
CA THR D 171 -21.83 5.83 -24.67
C THR D 171 -22.60 4.63 -24.12
N TYR D 172 -23.33 4.91 -23.02
CA TYR D 172 -24.03 3.88 -22.25
C TYR D 172 -25.23 3.26 -22.92
N LEU D 173 -25.01 2.65 -24.06
CA LEU D 173 -26.09 1.93 -24.73
C LEU D 173 -25.69 0.48 -24.98
N TYR D 174 -26.69 -0.39 -25.02
CA TYR D 174 -26.50 -1.82 -25.17
C TYR D 174 -27.46 -2.36 -26.23
N TRP D 175 -27.00 -3.38 -26.95
CA TRP D 175 -27.82 -4.08 -27.94
C TRP D 175 -27.88 -5.55 -27.58
N PHE D 176 -29.09 -6.10 -27.56
CA PHE D 176 -29.35 -7.46 -27.12
C PHE D 176 -29.91 -8.28 -28.28
N LEU D 177 -30.34 -9.50 -27.96
CA LEU D 177 -30.94 -10.38 -28.96
C LEU D 177 -31.66 -11.46 -28.18
N GLN D 178 -32.64 -12.11 -28.79
CA GLN D 178 -33.44 -13.15 -28.16
C GLN D 178 -34.12 -13.96 -29.26
N ARG D 179 -33.69 -15.19 -29.44
CA ARG D 179 -34.29 -16.11 -30.39
C ARG D 179 -35.49 -16.80 -29.76
N PRO D 180 -36.34 -17.41 -30.57
CA PRO D 180 -37.55 -18.04 -30.03
C PRO D 180 -37.21 -19.20 -29.11
N GLY D 181 -38.06 -19.40 -28.10
CA GLY D 181 -37.87 -20.48 -27.16
C GLY D 181 -36.49 -20.46 -26.53
N GLN D 182 -35.93 -19.26 -26.36
CA GLN D 182 -34.60 -19.09 -25.81
C GLN D 182 -34.64 -17.93 -24.82
N SER D 183 -33.47 -17.50 -24.39
CA SER D 183 -33.32 -16.37 -23.49
C SER D 183 -32.18 -15.49 -24.02
N PRO D 184 -32.18 -14.21 -23.66
CA PRO D 184 -31.35 -13.25 -24.40
C PRO D 184 -29.85 -13.55 -24.37
N GLN D 185 -29.11 -12.79 -25.18
CA GLN D 185 -27.71 -13.09 -25.45
C GLN D 185 -27.04 -11.79 -25.89
N LEU D 186 -26.29 -11.17 -24.99
CA LEU D 186 -25.69 -9.88 -25.30
C LEU D 186 -24.92 -9.95 -26.61
N LEU D 187 -24.88 -8.83 -27.31
CA LEU D 187 -24.17 -8.67 -28.57
C LEU D 187 -23.22 -7.48 -28.56
N ILE D 188 -23.59 -6.39 -27.89
CA ILE D 188 -22.80 -5.18 -27.88
C ILE D 188 -22.95 -4.55 -26.51
N TYR D 189 -21.92 -3.82 -26.09
CA TYR D 189 -22.01 -3.03 -24.87
C TYR D 189 -21.27 -1.72 -25.06
N ARG D 190 -21.96 -0.63 -24.75
CA ARG D 190 -21.46 0.74 -24.89
C ARG D 190 -21.35 1.17 -26.35
N MET D 191 -22.26 0.68 -27.18
CA MET D 191 -22.57 1.23 -28.49
C MET D 191 -21.48 0.99 -29.53
N SER D 192 -20.33 0.52 -29.12
CA SER D 192 -19.24 0.19 -30.03
C SER D 192 -18.64 -1.17 -29.77
N ASN D 193 -18.53 -1.58 -28.51
CA ASN D 193 -17.73 -2.72 -28.12
C ASN D 193 -18.50 -4.01 -28.29
N LEU D 194 -17.77 -5.08 -28.56
CA LEU D 194 -18.33 -6.37 -28.94
C LEU D 194 -17.99 -7.39 -27.87
N ALA D 195 -18.94 -8.28 -27.60
CA ALA D 195 -18.81 -9.25 -26.53
C ALA D 195 -17.87 -10.37 -26.96
N SER D 196 -17.79 -11.44 -26.16
CA SER D 196 -16.94 -12.59 -26.43
C SER D 196 -17.83 -13.81 -26.55
N GLY D 197 -17.84 -14.40 -27.74
CA GLY D 197 -18.75 -15.49 -28.04
C GLY D 197 -19.58 -15.19 -29.27
N VAL D 198 -19.26 -14.10 -29.96
CA VAL D 198 -19.96 -13.70 -31.18
C VAL D 198 -18.93 -13.32 -32.23
N PRO D 199 -19.37 -13.32 -33.50
CA PRO D 199 -18.42 -13.05 -34.57
C PRO D 199 -18.30 -11.60 -34.93
N ASP D 200 -17.45 -11.29 -35.92
CA ASP D 200 -17.30 -9.93 -36.40
C ASP D 200 -18.39 -9.52 -37.38
N ARG D 201 -19.50 -10.26 -37.43
CA ARG D 201 -20.60 -9.88 -38.30
C ARG D 201 -21.40 -8.71 -37.74
N PHE D 202 -21.41 -8.55 -36.42
CA PHE D 202 -22.21 -7.54 -35.76
C PHE D 202 -21.38 -6.30 -35.47
N SER D 203 -22.08 -5.17 -35.37
CA SER D 203 -21.46 -3.91 -34.98
C SER D 203 -22.54 -2.87 -34.72
N GLY D 204 -22.11 -1.69 -34.31
CA GLY D 204 -23.04 -0.61 -34.01
C GLY D 204 -22.29 0.71 -33.96
N SER D 205 -23.07 1.79 -34.07
CA SER D 205 -22.46 3.11 -34.04
C SER D 205 -23.53 4.18 -34.04
N GLY D 206 -23.14 5.38 -33.61
CA GLY D 206 -24.01 6.54 -33.64
C GLY D 206 -23.60 7.53 -32.56
N SER D 207 -24.56 8.37 -32.19
CA SER D 207 -24.37 9.32 -31.10
C SER D 207 -25.70 9.95 -30.74
N GLY D 208 -25.85 10.29 -29.45
CA GLY D 208 -26.89 11.18 -28.99
C GLY D 208 -28.27 10.95 -29.57
N THR D 209 -28.91 9.83 -29.23
CA THR D 209 -30.28 9.54 -29.69
C THR D 209 -30.32 8.94 -31.09
N ALA D 210 -29.18 8.76 -31.73
CA ALA D 210 -29.12 8.05 -33.01
C ALA D 210 -28.23 6.84 -32.82
N PHE D 211 -28.76 5.64 -33.05
CA PHE D 211 -27.96 4.46 -32.88
C PHE D 211 -28.35 3.40 -33.91
N THR D 212 -27.37 2.94 -34.67
CA THR D 212 -27.56 2.03 -35.78
C THR D 212 -26.76 0.76 -35.54
N LEU D 213 -27.44 -0.38 -35.66
CA LEU D 213 -26.79 -1.67 -35.55
C LEU D 213 -26.38 -2.04 -36.96
N THR D 214 -25.54 -3.06 -37.15
CA THR D 214 -24.99 -3.41 -38.45
C THR D 214 -24.64 -4.88 -38.51
N ILE D 215 -25.25 -5.60 -39.44
CA ILE D 215 -24.93 -6.99 -39.70
C ILE D 215 -24.34 -7.11 -41.10
N SER D 216 -23.63 -8.21 -41.32
CA SER D 216 -23.06 -8.52 -42.63
C SER D 216 -23.10 -10.02 -42.84
N ARG D 217 -23.58 -10.45 -43.99
CA ARG D 217 -23.72 -11.87 -44.31
C ARG D 217 -24.63 -12.57 -43.30
N LEU D 218 -25.91 -12.19 -43.36
CA LEU D 218 -26.92 -12.78 -42.49
C LEU D 218 -26.92 -14.28 -42.56
N GLU D 219 -27.54 -14.90 -41.56
CA GLU D 219 -27.58 -16.35 -41.52
C GLU D 219 -28.55 -16.77 -40.43
N ALA D 220 -29.16 -17.94 -40.60
CA ALA D 220 -30.12 -18.43 -39.63
C ALA D 220 -29.48 -18.49 -38.26
N GLU D 221 -30.30 -18.62 -37.21
CA GLU D 221 -29.93 -18.46 -35.81
C GLU D 221 -29.80 -16.99 -35.46
N ASP D 222 -30.00 -16.08 -36.41
CA ASP D 222 -29.99 -14.65 -36.12
C ASP D 222 -31.39 -14.09 -36.08
N VAL D 223 -32.36 -14.83 -36.60
CA VAL D 223 -33.73 -14.35 -36.68
C VAL D 223 -34.32 -14.29 -35.29
N GLY D 224 -34.91 -13.14 -34.93
CA GLY D 224 -35.52 -12.99 -33.64
C GLY D 224 -36.03 -11.59 -33.40
N VAL D 225 -35.72 -11.04 -32.22
CA VAL D 225 -36.20 -9.73 -31.82
C VAL D 225 -35.04 -9.04 -31.10
N TYR D 226 -34.36 -8.15 -31.80
CA TYR D 226 -33.25 -7.42 -31.19
C TYR D 226 -33.84 -6.39 -30.25
N TYR D 227 -33.15 -6.09 -29.16
CA TYR D 227 -33.61 -5.10 -28.19
C TYR D 227 -32.54 -4.03 -27.97
N CYS D 228 -32.86 -3.11 -27.09
CA CYS D 228 -32.10 -1.89 -26.87
C CYS D 228 -32.18 -1.58 -25.39
N MET D 229 -31.22 -0.82 -24.89
CA MET D 229 -31.18 -0.59 -23.46
C MET D 229 -30.17 0.51 -23.18
N GLN D 230 -30.39 1.19 -22.04
CA GLN D 230 -29.45 2.21 -21.61
C GLN D 230 -29.14 2.00 -20.13
N HIS D 231 -27.89 2.22 -19.74
CA HIS D 231 -27.44 2.11 -18.37
C HIS D 231 -26.84 3.42 -17.88
N LEU D 232 -27.21 4.53 -18.48
CA LEU D 232 -26.66 5.81 -18.08
C LEU D 232 -27.09 6.16 -16.65
N GLU D 233 -28.38 6.10 -16.36
CA GLU D 233 -28.86 6.35 -15.02
C GLU D 233 -30.09 5.50 -14.77
N TYR D 234 -30.25 5.07 -13.54
CA TYR D 234 -31.40 4.26 -13.19
C TYR D 234 -32.65 5.12 -13.20
N PRO D 235 -33.81 4.55 -13.57
CA PRO D 235 -34.04 3.15 -13.93
C PRO D 235 -33.46 2.79 -15.28
N LEU D 236 -33.82 1.62 -15.79
CA LEU D 236 -33.36 1.13 -17.08
C LEU D 236 -34.57 0.86 -17.96
N THR D 237 -34.47 1.24 -19.23
CA THR D 237 -35.59 1.23 -20.15
C THR D 237 -35.22 0.50 -21.42
N PHE D 238 -36.19 -0.19 -21.99
CA PHE D 238 -35.98 -1.01 -23.18
C PHE D 238 -36.80 -0.51 -24.35
N GLY D 239 -36.46 -1.02 -25.53
CA GLY D 239 -37.25 -0.79 -26.72
C GLY D 239 -38.56 -1.53 -26.65
N ALA D 240 -39.11 -1.91 -27.81
CA ALA D 240 -40.39 -2.59 -27.85
C ALA D 240 -40.40 -3.75 -28.83
N GLY D 241 -39.27 -4.10 -29.43
CA GLY D 241 -39.17 -5.28 -30.26
C GLY D 241 -39.04 -5.00 -31.74
N THR D 242 -37.82 -5.09 -32.25
CA THR D 242 -37.55 -4.97 -33.68
C THR D 242 -37.41 -6.37 -34.27
N LYS D 243 -38.55 -7.01 -34.47
CA LYS D 243 -38.56 -8.35 -35.03
C LYS D 243 -37.77 -8.39 -36.33
N LEU D 244 -37.30 -9.58 -36.71
CA LEU D 244 -36.54 -9.74 -37.94
C LEU D 244 -36.85 -11.13 -38.49
N GLU D 245 -37.83 -11.18 -39.40
CA GLU D 245 -38.29 -12.41 -40.01
C GLU D 245 -37.88 -12.43 -41.48
N LEU D 246 -38.19 -13.54 -42.15
CA LEU D 246 -37.85 -13.68 -43.56
C LEU D 246 -39.05 -13.37 -44.45
N SER E 57 -2.34 44.69 38.88
CA SER E 57 -2.43 43.24 38.82
C SER E 57 -3.25 42.79 37.62
N ALA E 58 -4.34 43.49 37.33
CA ALA E 58 -5.19 43.12 36.20
C ALA E 58 -4.43 43.27 34.88
N ILE E 59 -3.67 44.35 34.72
CA ILE E 59 -2.94 44.57 33.48
C ILE E 59 -1.85 43.51 33.32
N LEU E 60 -1.06 43.28 34.37
CA LEU E 60 0.00 42.29 34.29
C LEU E 60 -0.57 40.90 34.00
N ILE E 61 -1.64 40.52 34.70
CA ILE E 61 -2.20 39.20 34.50
C ILE E 61 -2.88 39.09 33.15
N SER E 62 -3.37 40.19 32.59
CA SER E 62 -3.93 40.16 31.24
C SER E 62 -2.83 39.93 30.21
N PHE E 63 -1.67 40.58 30.40
CA PHE E 63 -0.53 40.30 29.54
C PHE E 63 -0.13 38.83 29.62
N ILE E 64 -0.07 38.31 30.85
CA ILE E 64 0.25 36.89 31.05
C ILE E 64 -0.80 36.00 30.39
N TYR E 65 -2.06 36.46 30.43
CA TYR E 65 -3.14 35.71 29.82
C TYR E 65 -2.94 35.62 28.33
N SER E 66 -2.65 36.73 27.68
CA SER E 66 -2.36 36.72 26.25
C SER E 66 -1.18 35.79 25.96
N VAL E 67 -0.14 35.86 26.79
CA VAL E 67 1.02 34.99 26.61
C VAL E 67 0.60 33.53 26.58
N VAL E 68 -0.09 33.10 27.64
CA VAL E 68 -0.51 31.72 27.76
C VAL E 68 -1.38 31.31 26.59
N CYS E 69 -2.36 32.14 26.28
CA CYS E 69 -3.29 31.84 25.20
C CYS E 69 -2.54 31.61 23.89
N LEU E 70 -1.65 32.53 23.54
CA LEU E 70 -0.97 32.42 22.26
C LEU E 70 0.01 31.27 22.23
N VAL E 71 0.66 30.96 23.36
CA VAL E 71 1.60 29.84 23.35
C VAL E 71 0.85 28.52 23.21
N GLY E 72 -0.28 28.39 23.89
CA GLY E 72 -1.10 27.20 23.74
C GLY E 72 -1.47 27.14 22.27
N LEU E 73 -2.04 28.21 21.74
CA LEU E 73 -2.48 28.24 20.36
C LEU E 73 -1.38 27.72 19.43
N CYS E 74 -0.18 28.27 19.56
CA CYS E 74 0.93 27.84 18.74
C CYS E 74 1.17 26.34 18.89
N GLY E 75 1.21 25.86 20.12
CA GLY E 75 1.39 24.44 20.35
C GLY E 75 0.38 23.59 19.62
N ASN E 76 -0.89 23.74 19.98
CA ASN E 76 -1.92 22.86 19.45
C ASN E 76 -2.33 23.21 18.02
N SER E 77 -1.70 24.19 17.39
CA SER E 77 -1.89 24.42 15.97
C SER E 77 -0.73 23.89 15.12
N MET E 78 0.51 24.12 15.57
CA MET E 78 1.64 23.45 14.94
C MET E 78 1.47 21.95 14.99
N VAL E 79 0.91 21.41 16.08
CA VAL E 79 0.67 19.98 16.15
C VAL E 79 -0.21 19.54 15.01
N ILE E 80 -1.28 20.29 14.72
CA ILE E 80 -2.19 19.91 13.66
C ILE E 80 -1.51 20.04 12.30
N TYR E 81 -0.77 21.13 12.11
CA TYR E 81 -0.11 21.34 10.82
C TYR E 81 0.87 20.21 10.54
N VAL E 82 1.52 19.69 11.57
CA VAL E 82 2.45 18.59 11.38
C VAL E 82 1.69 17.28 11.13
N ILE E 83 0.77 16.94 12.01
CA ILE E 83 0.07 15.68 11.90
C ILE E 83 -0.81 15.58 10.66
N LEU E 84 -1.08 16.70 10.01
CA LEU E 84 -2.02 16.67 8.88
C LEU E 84 -1.33 16.22 7.59
N ARG E 85 -0.14 16.74 7.31
CA ARG E 85 0.51 16.55 6.02
C ARG E 85 1.80 15.75 6.11
N TYR E 86 2.72 16.14 6.99
CA TYR E 86 4.02 15.49 7.01
C TYR E 86 3.96 14.13 7.71
N ALA E 87 3.00 13.97 8.63
CA ALA E 87 2.82 12.72 9.37
C ALA E 87 1.84 11.80 8.66
N LYS E 88 0.90 12.37 7.89
CA LYS E 88 -0.01 11.57 7.06
C LYS E 88 -0.88 10.66 7.93
N MET E 89 -1.77 11.30 8.69
CA MET E 89 -2.65 10.57 9.61
C MET E 89 -3.23 9.32 8.96
N LYS E 90 -2.86 8.15 9.48
CA LYS E 90 -3.42 6.87 9.04
C LYS E 90 -4.09 6.12 10.18
N THR E 91 -3.39 5.94 11.29
CA THR E 91 -3.87 5.10 12.38
C THR E 91 -4.73 5.90 13.35
N ALA E 92 -5.20 5.22 14.39
CA ALA E 92 -6.07 5.87 15.37
C ALA E 92 -5.31 6.91 16.18
N THR E 93 -4.04 6.66 16.42
CA THR E 93 -3.24 7.60 17.15
C THR E 93 -3.47 8.97 16.57
N ASN E 94 -3.09 9.16 15.32
CA ASN E 94 -3.16 10.50 14.74
C ASN E 94 -4.58 11.07 14.71
N ILE E 95 -5.59 10.23 14.85
CA ILE E 95 -6.96 10.70 14.91
C ILE E 95 -7.19 11.33 16.27
N TYR E 96 -6.78 10.64 17.32
CA TYR E 96 -6.99 11.13 18.67
C TYR E 96 -6.17 12.38 18.95
N ILE E 97 -4.92 12.42 18.47
CA ILE E 97 -4.07 13.57 18.73
C ILE E 97 -4.64 14.82 18.07
N LEU E 98 -5.11 14.68 16.83
CA LEU E 98 -5.73 15.82 16.14
C LEU E 98 -6.96 16.31 16.89
N ASN E 99 -7.82 15.39 17.31
CA ASN E 99 -9.00 15.80 18.07
C ASN E 99 -8.61 16.54 19.35
N LEU E 100 -7.59 16.03 20.02
CA LEU E 100 -7.15 16.63 21.28
C LEU E 100 -6.58 18.03 21.06
N ALA E 101 -5.77 18.20 20.01
CA ALA E 101 -5.24 19.51 19.69
C ALA E 101 -6.35 20.49 19.31
N ILE E 102 -7.36 20.00 18.61
CA ILE E 102 -8.49 20.85 18.28
C ILE E 102 -9.13 21.33 19.57
N ALA E 103 -9.55 20.40 20.41
CA ALA E 103 -10.19 20.73 21.68
C ALA E 103 -9.37 21.75 22.45
N ASP E 104 -8.07 21.53 22.53
CA ASP E 104 -7.20 22.43 23.26
C ASP E 104 -7.24 23.83 22.65
N GLU E 105 -7.12 23.91 21.32
CA GLU E 105 -7.13 25.20 20.66
C GLU E 105 -8.41 25.96 20.98
N LEU E 106 -9.54 25.27 20.93
CA LEU E 106 -10.82 25.94 21.18
C LEU E 106 -10.93 26.38 22.63
N LEU E 107 -10.68 25.47 23.58
CA LEU E 107 -10.69 25.85 24.99
C LEU E 107 -9.81 27.06 25.23
N MET E 108 -8.69 27.19 24.50
CA MET E 108 -7.74 28.26 24.76
C MET E 108 -8.06 29.54 24.01
N LEU E 109 -8.85 29.48 22.95
CA LEU E 109 -9.13 30.64 22.14
C LEU E 109 -10.15 31.59 22.76
N SER E 110 -10.42 31.48 24.05
CA SER E 110 -11.44 32.31 24.70
C SER E 110 -10.93 32.84 26.04
N VAL E 111 -9.65 33.21 26.08
CA VAL E 111 -9.10 33.81 27.29
C VAL E 111 -9.52 35.27 27.38
N PRO E 112 -9.16 36.09 26.37
CA PRO E 112 -9.45 37.53 26.51
C PRO E 112 -10.83 37.85 27.07
N PHE E 113 -11.88 37.19 26.60
CA PHE E 113 -13.23 37.52 27.06
C PHE E 113 -13.32 37.51 28.57
N LEU E 114 -12.93 36.40 29.20
CA LEU E 114 -12.99 36.33 30.65
C LEU E 114 -11.95 37.23 31.30
N VAL E 115 -10.84 37.51 30.60
CA VAL E 115 -9.80 38.42 31.13
C VAL E 115 -10.32 39.85 31.17
N THR E 116 -11.28 40.17 30.32
CA THR E 116 -11.96 41.48 30.40
C THR E 116 -13.04 41.41 31.45
N SER E 117 -13.79 40.33 31.48
CA SER E 117 -14.78 40.16 32.52
C SER E 117 -14.16 40.32 33.91
N THR E 118 -12.86 40.02 34.05
CA THR E 118 -12.15 40.31 35.28
C THR E 118 -11.66 41.75 35.35
N LEU E 119 -11.35 42.35 34.19
CA LEU E 119 -10.85 43.72 34.14
C LEU E 119 -11.97 44.71 33.83
N LEU E 120 -12.64 44.62 32.70
CA LEU E 120 -13.78 45.50 32.42
C LEU E 120 -14.91 45.39 33.41
N ARG E 121 -15.14 44.21 33.97
CA ARG E 121 -16.24 43.93 34.88
C ARG E 121 -17.61 44.01 34.19
N HIS E 122 -17.65 44.15 32.87
CA HIS E 122 -18.90 44.12 32.13
C HIS E 122 -18.69 43.36 30.83
N TRP E 123 -19.80 43.07 30.15
CA TRP E 123 -19.80 42.22 28.97
C TRP E 123 -20.17 43.00 27.72
N PRO E 124 -19.23 43.75 27.13
CA PRO E 124 -19.51 44.52 25.92
C PRO E 124 -19.50 43.68 24.64
N PHE E 125 -20.17 42.52 24.69
CA PHE E 125 -20.25 41.64 23.53
C PHE E 125 -21.65 41.10 23.26
N GLY E 126 -22.58 41.21 24.19
CA GLY E 126 -23.95 40.80 23.97
C GLY E 126 -24.31 39.53 24.71
N ALA E 127 -25.61 39.33 24.90
CA ALA E 127 -26.09 38.17 25.64
C ALA E 127 -25.81 36.88 24.88
N LEU E 128 -26.12 36.85 23.58
CA LEU E 128 -25.81 35.68 22.77
C LEU E 128 -24.36 35.27 22.93
N LEU E 129 -23.46 36.25 22.98
CA LEU E 129 -22.04 35.96 23.19
C LEU E 129 -21.81 35.39 24.58
N CYS E 130 -22.39 36.03 25.61
CA CYS E 130 -22.26 35.52 26.96
C CYS E 130 -22.70 34.08 27.08
N ARG E 131 -23.59 33.63 26.19
CA ARG E 131 -23.97 32.22 26.20
C ARG E 131 -22.97 31.38 25.40
N LEU E 132 -22.65 31.83 24.19
CA LEU E 132 -21.89 31.02 23.25
C LEU E 132 -20.47 30.79 23.74
N VAL E 133 -19.80 31.84 24.19
CA VAL E 133 -18.42 31.72 24.66
C VAL E 133 -18.34 30.71 25.80
N LEU E 134 -19.24 30.86 26.77
CA LEU E 134 -19.22 29.98 27.93
C LEU E 134 -19.48 28.55 27.55
N SER E 135 -20.45 28.31 26.69
CA SER E 135 -20.77 26.97 26.24
C SER E 135 -19.58 26.36 25.52
N VAL E 136 -18.96 27.15 24.65
CA VAL E 136 -17.81 26.67 23.88
C VAL E 136 -16.70 26.29 24.82
N ASP E 137 -16.53 27.07 25.88
CA ASP E 137 -15.53 26.76 26.87
C ASP E 137 -15.85 25.43 27.42
N ALA E 138 -17.04 25.28 27.93
CA ALA E 138 -17.36 24.05 28.58
C ALA E 138 -17.11 22.86 27.71
N VAL E 139 -17.50 22.95 26.44
CA VAL E 139 -17.41 21.77 25.56
C VAL E 139 -16.01 21.45 25.17
N ASN E 140 -15.15 22.45 25.01
CA ASN E 140 -13.75 22.20 24.74
C ASN E 140 -13.07 21.53 25.92
N MET E 141 -13.28 22.08 27.12
CA MET E 141 -12.69 21.50 28.33
C MET E 141 -13.03 20.03 28.45
N PHE E 142 -14.33 19.71 28.37
CA PHE E 142 -14.74 18.33 28.62
C PHE E 142 -14.26 17.39 27.53
N THR E 143 -14.31 17.82 26.26
CA THR E 143 -13.84 16.93 25.21
C THR E 143 -12.34 16.70 25.32
N SER E 144 -11.58 17.69 25.78
CA SER E 144 -10.16 17.47 26.01
C SER E 144 -9.95 16.43 27.10
N ILE E 145 -10.64 16.58 28.22
CA ILE E 145 -10.49 15.64 29.31
C ILE E 145 -10.97 14.25 28.94
N TYR E 146 -11.81 14.13 27.92
CA TYR E 146 -12.22 12.82 27.46
C TYR E 146 -11.27 12.24 26.42
N CYS E 147 -10.63 13.11 25.63
CA CYS E 147 -9.64 12.63 24.67
C CYS E 147 -8.41 12.09 25.37
N LEU E 148 -7.98 12.74 26.45
CA LEU E 148 -6.89 12.19 27.25
C LEU E 148 -7.21 10.76 27.69
N THR E 149 -8.41 10.55 28.22
CA THR E 149 -8.80 9.24 28.70
C THR E 149 -8.83 8.21 27.56
N VAL E 150 -9.40 8.59 26.42
CA VAL E 150 -9.50 7.60 25.34
C VAL E 150 -8.10 7.25 24.83
N LEU E 151 -7.16 8.17 24.96
CA LEU E 151 -5.79 7.86 24.61
C LEU E 151 -5.19 6.89 25.62
N SER E 152 -5.36 7.17 26.91
CA SER E 152 -4.79 6.33 27.96
C SER E 152 -5.51 4.99 28.05
N VAL E 153 -6.56 4.81 27.27
CA VAL E 153 -7.15 3.48 27.09
C VAL E 153 -6.62 2.84 25.81
N ASP E 154 -6.33 3.67 24.81
CA ASP E 154 -5.79 3.13 23.55
C ASP E 154 -4.49 2.38 23.76
N ARG E 155 -3.76 2.67 24.84
CA ARG E 155 -2.46 2.08 25.08
C ARG E 155 -2.56 0.76 25.83
N TYR E 156 -3.27 0.76 26.97
CA TYR E 156 -3.46 -0.48 27.72
C TYR E 156 -3.90 -1.62 26.80
N VAL E 157 -4.74 -1.30 25.81
CA VAL E 157 -5.29 -2.31 24.92
C VAL E 157 -4.37 -2.46 23.72
N ALA E 158 -3.14 -1.94 23.83
CA ALA E 158 -2.18 -2.02 22.75
C ALA E 158 -0.81 -2.56 23.16
N VAL E 159 -0.60 -2.90 24.43
CA VAL E 159 0.60 -3.62 24.83
C VAL E 159 0.18 -4.88 25.56
N VAL E 160 -0.99 -4.82 26.20
CA VAL E 160 -1.53 -5.97 26.92
C VAL E 160 -2.58 -6.72 26.11
N HIS E 161 -3.11 -6.12 25.05
CA HIS E 161 -3.98 -6.80 24.09
C HIS E 161 -3.51 -6.49 22.69
N PRO E 162 -2.25 -6.80 22.37
CA PRO E 162 -1.72 -6.49 21.04
C PRO E 162 -2.15 -7.46 19.95
N ILE E 163 -3.14 -8.31 20.21
CA ILE E 163 -3.57 -9.31 19.24
C ILE E 163 -5.03 -9.06 18.88
N LYS E 164 -5.91 -9.07 19.88
CA LYS E 164 -7.33 -8.87 19.62
C LYS E 164 -7.61 -7.41 19.28
N ALA E 165 -6.92 -6.49 19.96
CA ALA E 165 -7.21 -5.06 19.81
C ALA E 165 -7.17 -4.60 18.36
N ALA E 166 -6.62 -5.41 17.45
CA ALA E 166 -6.64 -5.05 16.04
C ALA E 166 -8.06 -4.73 15.58
N ARG E 167 -9.05 -5.52 16.03
CA ARG E 167 -10.43 -5.24 15.67
C ARG E 167 -10.87 -3.87 16.19
N TYR E 168 -10.41 -3.49 17.38
CA TYR E 168 -10.79 -2.22 17.97
C TYR E 168 -10.01 -1.07 17.35
N ARG E 169 -8.69 -1.20 17.25
CA ARG E 169 -7.83 -0.10 16.85
C ARG E 169 -7.94 0.19 15.36
N ARG E 170 -9.05 0.78 14.94
CA ARG E 170 -9.29 1.13 13.55
C ARG E 170 -9.69 2.60 13.44
N PRO E 171 -9.66 3.16 12.23
CA PRO E 171 -10.02 4.58 12.10
C PRO E 171 -11.49 4.86 12.34
N THR E 172 -12.37 3.99 11.84
CA THR E 172 -13.81 4.19 12.02
C THR E 172 -14.16 4.29 13.50
N VAL E 173 -13.61 3.37 14.31
CA VAL E 173 -13.83 3.43 15.75
C VAL E 173 -13.39 4.78 16.30
N ALA E 174 -12.20 5.23 15.90
CA ALA E 174 -11.70 6.52 16.36
C ALA E 174 -12.70 7.64 16.07
N LYS E 175 -13.17 7.70 14.82
CA LYS E 175 -14.03 8.81 14.44
C LYS E 175 -15.36 8.75 15.18
N VAL E 176 -15.94 7.55 15.32
CA VAL E 176 -17.23 7.45 15.97
C VAL E 176 -17.12 7.79 17.45
N VAL E 177 -16.01 7.38 18.09
CA VAL E 177 -15.89 7.70 19.51
C VAL E 177 -15.61 9.18 19.71
N ASN E 178 -14.87 9.80 18.78
CA ASN E 178 -14.71 11.25 18.84
C ASN E 178 -16.06 11.94 18.76
N LEU E 179 -16.89 11.54 17.80
CA LEU E 179 -18.21 12.13 17.68
C LEU E 179 -19.01 11.91 18.97
N GLY E 180 -18.93 10.71 19.55
CA GLY E 180 -19.61 10.46 20.81
C GLY E 180 -19.10 11.36 21.93
N VAL E 181 -17.81 11.67 21.92
CA VAL E 181 -17.25 12.56 22.93
C VAL E 181 -17.86 13.95 22.80
N TRP E 182 -17.82 14.50 21.59
CA TRP E 182 -18.42 15.82 21.39
C TRP E 182 -19.89 15.82 21.77
N VAL E 183 -20.60 14.74 21.43
CA VAL E 183 -22.01 14.62 21.77
C VAL E 183 -22.20 14.71 23.28
N LEU E 184 -21.52 13.83 24.02
CA LEU E 184 -21.65 13.81 25.47
C LEU E 184 -21.31 15.17 26.07
N SER E 185 -20.30 15.83 25.51
CA SER E 185 -19.89 17.12 26.00
C SER E 185 -21.00 18.13 25.86
N LEU E 186 -21.53 18.28 24.66
CA LEU E 186 -22.65 19.18 24.44
C LEU E 186 -23.80 18.86 25.37
N LEU E 187 -24.09 17.57 25.54
CA LEU E 187 -25.24 17.18 26.37
C LEU E 187 -25.02 17.59 27.82
N VAL E 188 -23.80 17.47 28.33
CA VAL E 188 -23.56 17.81 29.72
C VAL E 188 -23.40 19.30 29.94
N ILE E 189 -23.16 20.08 28.88
CA ILE E 189 -22.93 21.52 29.05
C ILE E 189 -24.09 22.42 28.58
N LEU E 190 -25.08 21.87 27.91
CA LEU E 190 -26.22 22.68 27.47
C LEU E 190 -26.91 23.44 28.60
N PRO E 191 -27.07 22.89 29.82
CA PRO E 191 -27.71 23.64 30.89
C PRO E 191 -27.09 25.01 31.15
N ILE E 192 -25.94 25.26 30.56
CA ILE E 192 -25.33 26.59 30.68
C ILE E 192 -26.03 27.57 29.75
N VAL E 193 -26.15 27.21 28.46
CA VAL E 193 -26.83 28.08 27.51
C VAL E 193 -28.31 28.20 27.90
N VAL E 194 -28.91 27.12 28.37
CA VAL E 194 -30.34 27.16 28.67
C VAL E 194 -30.66 28.17 29.78
N PHE E 195 -29.65 28.61 30.55
CA PHE E 195 -29.92 29.50 31.66
C PHE E 195 -28.91 30.64 31.78
N SER E 196 -28.19 30.98 30.70
CA SER E 196 -27.15 32.00 30.75
C SER E 196 -27.66 33.33 30.22
N ARG E 197 -27.18 34.41 30.82
CA ARG E 197 -27.52 35.77 30.42
C ARG E 197 -26.66 36.74 31.20
N THR E 198 -26.46 37.93 30.64
CA THR E 198 -25.69 38.97 31.30
C THR E 198 -26.27 39.29 32.67
N ALA E 199 -25.42 39.32 33.69
CA ALA E 199 -25.90 39.62 35.04
C ALA E 199 -25.95 41.12 35.25
N ALA E 207 -22.29 40.79 34.68
CA ALA E 207 -21.35 39.70 34.95
C ALA E 207 -21.85 38.42 34.31
N CYS E 208 -21.24 38.02 33.20
CA CYS E 208 -21.72 36.84 32.48
C CYS E 208 -21.55 35.59 33.34
N ASN E 209 -22.71 35.07 33.76
CA ASN E 209 -22.74 33.95 34.68
C ASN E 209 -23.92 33.05 34.42
N MET E 210 -24.20 32.14 35.36
CA MET E 210 -25.36 31.26 35.28
C MET E 210 -26.34 31.64 36.38
N LEU E 211 -27.63 31.74 36.06
CA LEU E 211 -28.67 32.19 36.99
C LEU E 211 -29.88 31.26 36.89
N MET E 212 -29.62 29.96 37.01
CA MET E 212 -30.70 28.98 36.98
C MET E 212 -31.74 29.33 38.03
N PRO E 213 -32.95 28.77 37.92
CA PRO E 213 -34.00 29.20 38.86
C PRO E 213 -33.68 28.90 40.30
N GLU E 214 -34.55 29.32 41.21
CA GLU E 214 -34.30 29.11 42.62
C GLU E 214 -34.68 27.69 43.03
N PRO E 215 -33.95 27.08 43.98
CA PRO E 215 -32.77 27.63 44.69
C PRO E 215 -31.53 27.65 43.80
N ALA E 216 -31.03 28.85 43.48
CA ALA E 216 -29.83 29.00 42.63
C ALA E 216 -28.75 28.06 43.18
N GLN E 217 -28.60 28.00 44.50
CA GLN E 217 -27.62 27.11 45.10
C GLN E 217 -27.82 25.68 44.63
N ARG E 218 -29.07 25.22 44.54
CA ARG E 218 -29.32 23.84 44.15
C ARG E 218 -28.83 23.58 42.75
N TRP E 219 -29.17 24.48 41.85
CA TRP E 219 -28.77 24.32 40.46
C TRP E 219 -27.30 24.55 40.32
N LEU E 220 -26.79 25.56 41.01
CA LEU E 220 -25.39 25.90 40.87
C LEU E 220 -24.51 24.75 41.30
N VAL E 221 -24.74 24.24 42.50
CA VAL E 221 -23.85 23.19 43.00
C VAL E 221 -24.21 21.87 42.34
N GLY E 222 -25.46 21.71 41.92
CA GLY E 222 -25.79 20.50 41.19
C GLY E 222 -24.87 20.40 40.02
N PHE E 223 -24.64 21.52 39.33
CA PHE E 223 -23.80 21.52 38.14
C PHE E 223 -22.33 21.50 38.45
N VAL E 224 -21.94 22.10 39.57
CA VAL E 224 -20.54 22.07 39.95
C VAL E 224 -20.13 20.65 40.35
N LEU E 225 -21.11 19.76 40.58
CA LEU E 225 -20.79 18.36 40.88
C LEU E 225 -21.06 17.44 39.70
N TYR E 226 -21.75 17.93 38.68
CA TYR E 226 -21.99 17.13 37.45
C TYR E 226 -20.71 17.13 36.64
N THR E 227 -20.01 18.26 36.62
CA THR E 227 -18.74 18.44 35.93
C THR E 227 -17.60 17.84 36.73
N PHE E 228 -17.57 18.04 38.05
CA PHE E 228 -16.54 17.45 38.87
C PHE E 228 -16.41 15.97 38.57
N LEU E 229 -17.49 15.22 38.78
CA LEU E 229 -17.45 13.79 38.53
C LEU E 229 -17.00 13.54 37.09
N MET E 230 -17.82 13.93 36.12
CA MET E 230 -17.64 13.48 34.74
C MET E 230 -16.54 14.22 34.00
N GLY E 231 -15.69 14.97 34.71
CA GLY E 231 -14.55 15.58 34.06
C GLY E 231 -13.31 15.56 34.93
N PHE E 232 -13.35 14.82 36.03
CA PHE E 232 -12.22 14.78 36.93
C PHE E 232 -12.02 13.43 37.56
N LEU E 233 -13.09 12.70 37.83
CA LEU E 233 -12.96 11.45 38.57
C LEU E 233 -12.91 10.23 37.65
N LEU E 234 -13.90 10.08 36.80
CA LEU E 234 -13.89 8.98 35.84
C LEU E 234 -12.57 8.97 35.07
N PRO E 235 -12.12 10.13 34.59
CA PRO E 235 -10.83 10.14 33.89
C PRO E 235 -9.65 9.84 34.80
N VAL E 236 -9.64 10.36 36.02
CA VAL E 236 -8.56 10.02 36.95
C VAL E 236 -8.74 8.61 37.51
N GLY E 237 -9.95 8.07 37.51
CA GLY E 237 -10.14 6.67 37.85
C GLY E 237 -9.90 5.71 36.72
N ALA E 238 -9.67 6.23 35.50
CA ALA E 238 -9.35 5.40 34.34
C ALA E 238 -8.08 5.88 33.65
N ILE E 239 -7.25 6.67 34.33
CA ILE E 239 -5.95 7.05 33.81
C ILE E 239 -4.80 6.73 34.74
N CYS E 240 -5.05 6.59 36.05
CA CYS E 240 -4.05 5.99 36.92
C CYS E 240 -4.08 4.48 36.81
N LEU E 241 -5.27 3.89 36.75
CA LEU E 241 -5.41 2.46 36.53
C LEU E 241 -4.73 2.02 35.23
N CYS E 242 -5.20 2.55 34.09
CA CYS E 242 -4.65 2.17 32.81
C CYS E 242 -3.22 2.62 32.60
N TYR E 243 -2.62 3.24 33.63
CA TYR E 243 -1.19 3.56 33.59
C TYR E 243 -0.47 2.66 34.59
N VAL E 244 -1.21 1.95 35.45
CA VAL E 244 -0.61 1.04 36.41
C VAL E 244 -0.73 -0.42 35.98
N LEU E 245 -1.67 -0.76 35.10
CA LEU E 245 -1.70 -2.08 34.49
C LEU E 245 -0.78 -2.18 33.29
N ILE E 246 0.13 -1.22 33.14
CA ILE E 246 1.18 -1.27 32.13
C ILE E 246 2.53 -1.55 32.77
N ILE E 247 2.81 -0.90 33.90
CA ILE E 247 4.09 -1.10 34.57
C ILE E 247 4.17 -2.48 35.17
N ALA E 248 3.07 -2.98 35.73
CA ALA E 248 3.06 -4.35 36.26
C ALA E 248 3.50 -5.34 35.21
N LYS E 249 2.91 -5.26 34.01
CA LYS E 249 3.36 -6.08 32.89
C LYS E 249 4.83 -5.85 32.61
N MET E 250 5.18 -4.62 32.21
CA MET E 250 6.56 -4.32 31.84
C MET E 250 7.56 -4.86 32.86
N ARG E 251 7.16 -5.02 34.12
CA ARG E 251 8.03 -5.64 35.11
C ARG E 251 7.97 -7.16 35.00
N MET E 252 6.77 -7.73 35.14
CA MET E 252 6.62 -9.18 35.10
C MET E 252 7.36 -9.80 33.93
N VAL E 253 7.22 -9.21 32.75
CA VAL E 253 7.74 -9.84 31.53
C VAL E 253 9.14 -9.33 31.25
N ALA E 254 9.79 -8.76 32.26
CA ALA E 254 11.17 -8.32 32.16
C ALA E 254 12.14 -9.32 32.78
N LEU E 255 11.87 -9.74 34.01
CA LEU E 255 12.82 -10.58 34.74
C LEU E 255 13.13 -11.88 34.00
N LYS E 256 12.17 -12.42 33.25
CA LYS E 256 12.27 -13.75 32.66
C LYS E 256 12.69 -13.69 31.19
N ALA E 257 13.55 -12.76 30.83
CA ALA E 257 14.03 -12.63 29.47
C ALA E 257 15.47 -13.10 29.29
N GLY E 258 16.27 -13.08 30.35
CA GLY E 258 17.64 -13.53 30.27
C GLY E 258 18.67 -12.42 30.12
N TRP E 259 18.24 -11.17 30.20
CA TRP E 259 19.14 -10.03 30.07
C TRP E 259 18.89 -8.95 31.11
N GLN E 260 17.78 -8.98 31.83
CA GLN E 260 17.37 -7.87 32.68
C GLN E 260 18.22 -7.85 33.93
N GLN E 261 19.22 -6.99 33.94
CA GLN E 261 19.94 -6.62 35.16
C GLN E 261 19.06 -5.64 35.91
N ARG E 262 19.61 -4.91 36.88
CA ARG E 262 18.87 -3.83 37.52
C ARG E 262 18.01 -3.12 36.47
N LYS E 263 16.71 -3.09 36.73
CA LYS E 263 15.71 -2.84 35.69
C LYS E 263 16.15 -1.71 34.75
N ARG E 264 15.91 -1.92 33.46
CA ARG E 264 16.25 -0.95 32.43
C ARG E 264 15.00 -0.56 31.65
N SER E 265 14.92 0.73 31.32
CA SER E 265 13.79 1.31 30.60
C SER E 265 12.58 1.47 31.51
N GLU E 266 12.62 0.86 32.69
CA GLU E 266 11.57 1.11 33.66
C GLU E 266 11.89 2.35 34.48
N ARG E 267 13.18 2.64 34.65
CA ARG E 267 13.61 3.92 35.19
C ARG E 267 13.14 5.07 34.31
N LYS E 268 12.73 4.76 33.08
CA LYS E 268 12.24 5.77 32.14
C LYS E 268 10.74 5.74 31.94
N ILE E 269 10.12 4.57 32.02
CA ILE E 269 8.69 4.43 31.79
C ILE E 269 7.94 4.32 33.11
N THR E 270 8.61 4.69 34.20
CA THR E 270 7.95 4.81 35.49
C THR E 270 8.00 6.31 35.85
N LEU E 271 8.94 7.07 35.26
CA LEU E 271 9.05 8.50 35.47
C LEU E 271 8.20 9.28 34.47
N MET E 272 8.18 8.84 33.21
CA MET E 272 7.43 9.52 32.16
C MET E 272 5.94 9.19 32.24
N VAL E 273 5.58 8.31 33.19
CA VAL E 273 4.17 7.96 33.42
C VAL E 273 3.67 8.69 34.65
N MET E 274 4.51 8.88 35.67
CA MET E 274 4.15 9.69 36.83
C MET E 274 4.46 11.16 36.57
N MET E 275 4.46 11.57 35.31
CA MET E 275 4.49 12.97 34.93
C MET E 275 3.29 13.38 34.10
N VAL E 276 2.60 12.44 33.45
CA VAL E 276 1.38 12.73 32.72
C VAL E 276 0.18 12.46 33.63
N VAL E 277 0.47 12.16 34.90
CA VAL E 277 -0.59 11.97 35.88
C VAL E 277 -0.37 12.95 37.02
N MET E 278 0.69 13.77 36.96
CA MET E 278 0.95 14.81 37.93
C MET E 278 0.38 16.16 37.49
N VAL E 279 0.65 16.56 36.25
CA VAL E 279 0.13 17.84 35.78
C VAL E 279 -1.39 17.79 35.67
N PHE E 280 -1.94 16.72 35.10
CA PHE E 280 -3.38 16.65 34.88
C PHE E 280 -4.16 16.65 36.17
N VAL E 281 -3.51 16.28 37.27
CA VAL E 281 -4.19 16.18 38.56
C VAL E 281 -3.83 17.33 39.48
N ILE E 282 -2.78 18.07 39.15
CA ILE E 282 -2.37 19.21 39.95
C ILE E 282 -2.92 20.50 39.36
N CYS E 283 -3.28 20.47 38.08
CA CYS E 283 -3.84 21.65 37.43
C CYS E 283 -5.35 21.76 37.68
N TRP E 284 -6.09 20.71 37.33
CA TRP E 284 -7.55 20.74 37.44
C TRP E 284 -8.06 20.48 38.85
N MET E 285 -7.21 20.05 39.77
CA MET E 285 -7.66 19.83 41.13
C MET E 285 -8.01 21.17 41.78
N PRO E 286 -7.01 22.06 41.94
CA PRO E 286 -7.26 23.33 42.64
C PRO E 286 -8.58 23.97 42.27
N PHE E 287 -8.90 24.03 40.99
CA PHE E 287 -10.16 24.59 40.53
C PHE E 287 -11.35 23.87 41.15
N TYR E 288 -11.42 22.56 40.94
CA TYR E 288 -12.57 21.77 41.32
C TYR E 288 -12.66 21.51 42.81
N VAL E 289 -11.67 21.99 43.56
CA VAL E 289 -11.73 21.89 45.02
C VAL E 289 -12.12 23.24 45.59
N VAL E 290 -11.55 24.32 45.07
CA VAL E 290 -11.89 25.65 45.55
C VAL E 290 -13.31 26.00 45.18
N GLN E 291 -13.84 25.37 44.13
CA GLN E 291 -15.25 25.58 43.79
C GLN E 291 -16.08 25.05 44.94
N LEU E 292 -15.89 23.77 45.25
CA LEU E 292 -16.61 23.16 46.36
C LEU E 292 -16.49 23.99 47.62
N VAL E 293 -15.28 24.48 47.91
CA VAL E 293 -15.08 25.32 49.10
C VAL E 293 -15.95 26.56 49.02
N ASN E 294 -15.80 27.32 47.95
CA ASN E 294 -16.54 28.57 47.85
C ASN E 294 -18.04 28.35 47.92
N VAL E 295 -18.52 27.20 47.46
CA VAL E 295 -19.96 26.93 47.41
C VAL E 295 -20.49 26.07 48.56
N PHE E 296 -19.64 25.73 49.51
CA PHE E 296 -20.08 24.95 50.72
C PHE E 296 -19.47 25.54 52.00
N ALA E 297 -18.76 26.68 51.93
CA ALA E 297 -18.22 27.38 53.08
C ALA E 297 -18.43 28.89 53.03
N GLU E 298 -18.88 29.42 51.89
CA GLU E 298 -19.16 30.85 51.75
C GLU E 298 -17.91 31.69 52.01
N GLN E 299 -16.92 31.50 51.13
CA GLN E 299 -15.72 32.33 51.12
C GLN E 299 -15.15 32.33 49.71
N ASP E 300 -14.51 33.44 49.35
CA ASP E 300 -13.92 33.56 48.04
C ASP E 300 -13.07 34.81 47.94
N ASP E 301 -12.34 34.94 46.85
CA ASP E 301 -11.48 36.09 46.60
C ASP E 301 -11.10 36.06 45.12
N ALA E 302 -10.65 37.21 44.61
CA ALA E 302 -10.43 37.36 43.18
C ALA E 302 -9.15 36.65 42.74
N THR E 303 -8.01 37.07 43.28
CA THR E 303 -6.73 36.47 42.88
C THR E 303 -6.77 34.95 43.00
N VAL E 304 -7.54 34.41 43.93
CA VAL E 304 -7.65 32.97 44.10
C VAL E 304 -8.21 32.33 42.83
N SER E 305 -9.41 32.77 42.44
CA SER E 305 -10.02 32.24 41.22
C SER E 305 -9.17 32.55 40.00
N GLN E 306 -8.42 33.66 40.02
CA GLN E 306 -7.54 33.98 38.91
C GLN E 306 -6.45 32.93 38.76
N LEU E 307 -5.82 32.56 39.87
CA LEU E 307 -4.81 31.53 39.82
C LEU E 307 -5.43 30.24 39.35
N SER E 308 -6.53 29.85 39.96
CA SER E 308 -7.17 28.59 39.59
C SER E 308 -7.45 28.53 38.10
N VAL E 309 -7.95 29.63 37.54
CA VAL E 309 -8.30 29.65 36.12
C VAL E 309 -7.04 29.57 35.26
N ILE E 310 -6.03 30.36 35.58
CA ILE E 310 -4.85 30.37 34.75
C ILE E 310 -4.25 28.97 34.74
N LEU E 311 -4.39 28.24 35.84
CA LEU E 311 -3.92 26.86 35.85
C LEU E 311 -4.80 25.98 34.97
N GLY E 312 -6.11 25.99 35.23
CA GLY E 312 -7.02 25.22 34.40
C GLY E 312 -6.79 25.38 32.91
N TYR E 313 -6.38 26.57 32.48
CA TYR E 313 -6.06 26.83 31.09
C TYR E 313 -4.58 26.65 30.78
N ALA E 314 -3.78 26.24 31.77
CA ALA E 314 -2.36 25.99 31.52
C ALA E 314 -2.11 24.55 31.11
N ASN E 315 -2.79 23.60 31.74
CA ASN E 315 -2.72 22.21 31.31
C ASN E 315 -2.89 22.07 29.81
N SER E 316 -3.64 22.98 29.19
CA SER E 316 -3.89 22.94 27.76
C SER E 316 -2.85 23.71 26.96
N CYS E 317 -1.62 23.79 27.47
CA CYS E 317 -0.52 24.40 26.72
C CYS E 317 0.67 23.46 26.72
N ALA E 318 0.82 22.68 27.78
CA ALA E 318 1.93 21.75 27.93
C ALA E 318 1.63 20.36 27.37
N ASN E 319 0.50 20.17 26.70
CA ASN E 319 0.15 18.83 26.23
C ASN E 319 1.00 18.43 25.03
N PRO E 320 1.04 19.19 23.93
CA PRO E 320 1.89 18.83 22.80
C PRO E 320 3.31 18.42 23.20
N ILE E 321 3.83 19.05 24.25
CA ILE E 321 5.13 18.64 24.78
C ILE E 321 5.09 17.24 25.37
N LEU E 322 3.90 16.67 25.57
CA LEU E 322 3.74 15.31 26.05
C LEU E 322 3.18 14.38 24.99
N TYR E 323 2.03 14.70 24.40
CA TYR E 323 1.40 13.87 23.40
C TYR E 323 1.71 14.33 21.98
N GLY E 324 2.61 15.30 21.83
CA GLY E 324 2.98 15.81 20.53
C GLY E 324 4.41 15.50 20.17
N PHE E 325 5.29 16.48 20.42
CA PHE E 325 6.69 16.39 20.02
C PHE E 325 7.35 15.09 20.45
N LEU E 326 6.80 14.40 21.45
CA LEU E 326 7.38 13.16 21.94
C LEU E 326 6.93 11.94 21.16
N SER E 327 6.11 12.11 20.13
CA SER E 327 5.68 11.01 19.28
C SER E 327 6.61 10.88 18.09
N ASP E 328 6.97 9.62 17.77
CA ASP E 328 7.95 9.37 16.70
C ASP E 328 7.59 10.11 15.42
N ASN E 329 6.34 9.94 14.96
CA ASN E 329 5.90 10.66 13.77
C ASN E 329 6.14 12.16 13.91
N PHE E 330 5.84 12.71 15.09
CA PHE E 330 6.05 14.13 15.30
C PHE E 330 7.53 14.48 15.25
N LYS E 331 8.35 13.70 15.95
CA LYS E 331 9.79 13.92 15.92
C LYS E 331 10.30 14.02 14.49
N ARG E 332 9.92 13.05 13.66
CA ARG E 332 10.41 13.03 12.28
C ARG E 332 9.86 14.19 11.46
N SER E 333 8.53 14.31 11.40
CA SER E 333 7.92 15.35 10.59
C SER E 333 8.29 16.74 11.06
N PHE E 334 8.79 16.88 12.29
CA PHE E 334 9.25 18.17 12.79
C PHE E 334 10.71 18.40 12.49
N GLN E 335 11.54 17.36 12.55
CA GLN E 335 12.89 17.46 12.03
C GLN E 335 12.86 17.93 10.59
N ARG E 336 11.84 17.50 9.84
CA ARG E 336 11.69 17.94 8.46
C ARG E 336 11.66 19.46 8.36
N ILE E 337 10.65 20.08 8.99
CA ILE E 337 10.49 21.53 8.90
C ILE E 337 11.66 22.24 9.60
N LEU E 338 12.24 21.62 10.62
CA LEU E 338 13.40 22.20 11.29
C LEU E 338 14.55 22.39 10.30
N CYS E 339 14.96 21.31 9.64
CA CYS E 339 16.02 21.43 8.65
C CYS E 339 15.61 22.33 7.50
N LEU E 340 14.33 22.31 7.12
CA LEU E 340 13.87 23.20 6.04
C LEU E 340 14.10 24.65 6.41
N SER E 341 13.66 25.07 7.61
CA SER E 341 13.87 26.45 8.02
C SER E 341 15.35 26.75 8.23
N TRP E 342 16.13 25.77 8.69
CA TRP E 342 17.57 25.96 8.79
C TRP E 342 18.18 26.29 7.43
N MET E 343 17.71 25.62 6.38
CA MET E 343 18.14 25.96 5.03
C MET E 343 17.54 27.26 4.55
N ASP E 344 16.42 27.69 5.12
CA ASP E 344 15.74 28.90 4.66
C ASP E 344 16.39 30.15 5.24
N ASN E 345 16.43 30.26 6.57
CA ASN E 345 16.95 31.44 7.25
C ASN E 345 18.38 31.26 7.73
N ALA E 346 19.08 30.25 7.22
CA ALA E 346 20.48 30.03 7.60
C ALA E 346 21.16 29.10 6.61
N 4J2 F 1 -21.22 36.29 40.91
CA 4J2 F 1 -20.99 36.13 42.31
CB 4J2 F 1 -21.12 37.50 43.00
CG 4J2 F 1 -20.07 37.55 44.16
CD1 4J2 F 1 -20.34 37.05 45.04
CD2 4J2 F 1 -19.04 38.16 43.88
CE1 4J2 F 1 -19.75 36.94 46.00
CZ1 4J2 F 1 -18.50 37.42 46.32
CZ2 4J2 F 1 -17.36 37.52 47.45
CZ3 4J2 F 1 -16.03 38.36 46.99
CE2 4J2 F 1 -17.94 38.23 45.05
CE3 4J2 F 1 -16.94 38.75 44.93
CE4 4J2 F 1 -16.08 38.86 45.72
C 4J2 F 1 -19.58 35.59 42.50
HE1 4J2 F 1 -20.16 36.46 46.68
O 4J2 F 1 -18.72 35.97 41.79
HE3 4J2 F 1 -16.81 39.16 44.11
HE4 4J2 F 1 -15.34 39.34 45.44
H2 4J2 F 1 -21.95 36.75 40.79
H 4J2 F 1 -20.55 36.72 40.56
HA 4J2 F 1 -21.61 35.53 42.67
HB2 4J2 F 1 -20.92 38.17 42.38
HB1 4J2 F 1 -21.98 37.61 43.33
HD1 4J2 F 1 -21.18 36.64 45.03
HD2 4J2 F 1 -18.91 38.56 43.06
HZ2 4J2 F 1 -17.45 37.13 48.28
HZ23 4J2 F 1 -15.30 38.49 47.56
N DCY F 2 -19.28 34.64 43.62
CA DCY F 2 -17.92 34.15 43.78
C DCY F 2 -17.57 33.56 42.42
O DCY F 2 -16.71 34.00 41.75
CB DCY F 2 -17.00 35.31 44.17
SG DCY F 2 -15.25 34.79 44.09
H DCY F 2 -19.92 34.38 44.14
HA DCY F 2 -17.89 33.49 44.44
HB2 DCY F 2 -17.13 36.03 43.59
HB3 DCY F 2 -17.20 35.56 45.04
N DTY F 3 -18.40 32.44 41.92
CA DTY F 3 -18.15 31.85 40.61
C DTY F 3 -17.87 30.34 40.73
O DTY F 3 -18.17 29.77 41.71
CB DTY F 3 -19.40 32.04 39.78
CG DTY F 3 -20.27 30.78 40.02
CD1 DTY F 3 -20.92 30.62 41.14
CD2 DTY F 3 -20.34 29.72 38.93
CE1 DTY F 3 -21.75 29.35 41.35
CE2 DTY F 3 -21.05 28.64 39.10
CZ DTY F 3 -21.82 28.44 40.41
OH DTY F 3 -22.59 27.27 40.59
H DTY F 3 -19.05 32.15 42.43
HA DTY F 3 -17.43 32.28 40.22
HB2 DTY F 3 -19.17 32.09 38.88
HB3 DTY F 3 -19.86 32.81 40.06
HD1 DTY F 3 -20.88 31.26 41.80
HD2 DTY F 3 -19.86 29.85 38.13
HE1 DTY F 3 -22.23 29.23 42.14
HE2 DTY F 3 -21.09 27.99 38.43
HH DTY F 3 -22.53 26.80 39.91
N DTR F 4 -17.23 29.59 39.60
CA DTR F 4 -16.82 30.25 38.37
CB DTR F 4 -16.44 29.26 37.29
CG DTR F 4 -17.39 28.04 37.04
CD1 DTR F 4 -18.37 27.59 37.81
NE1 DTR F 4 -18.83 26.56 37.17
CE2 DTR F 4 -18.30 26.18 35.95
CZ2 DTR F 4 -18.51 25.21 35.03
CH2 DTR F 4 -17.70 25.19 33.89
CZ3 DTR F 4 -16.68 26.15 33.70
CE3 DTR F 4 -16.45 27.16 34.66
CD2 DTR F 4 -17.24 27.21 35.78
C DTR F 4 -15.56 31.07 38.76
O DTR F 4 -15.26 31.12 39.90
H DTR F 4 -17.06 28.74 39.70
HA DTR F 4 -17.51 30.81 38.07
HB2 DTR F 4 -15.58 28.93 37.48
HB3 DTR F 4 -16.41 29.71 36.47
HD1 DTR F 4 -18.63 27.88 38.55
HE1 DTR F 4 -19.50 26.11 37.49
HZ2 DTR F 4 -19.18 24.58 35.15
HH2 DTR F 4 -17.84 24.53 33.26
HZ3 DTR F 4 -16.16 26.11 32.94
HE3 DTR F 4 -15.79 27.78 34.53
N LYS F 5 -14.66 31.83 37.83
CA LYS F 5 -14.76 31.95 36.37
C LYS F 5 -16.18 32.07 35.80
N DVA F 6 -17.29 32.84 36.42
CA DVA F 6 -17.22 33.55 37.67
CB DVA F 6 -18.43 34.44 37.78
CG1 DVA F 6 -18.42 35.51 36.71
CG2 DVA F 6 -18.42 35.09 39.15
C DVA F 6 -15.93 34.32 37.96
O DVA F 6 -15.32 34.87 37.11
H DVA F 6 -18.05 32.83 36.02
HA DVA F 6 -17.29 32.92 38.36
HB DVA F 6 -19.20 33.92 37.70
HG11 DVA F 6 -18.86 36.27 37.03
HG12 DVA F 6 -17.55 35.73 36.48
HG13 DVA F 6 -18.86 35.17 35.95
HG21 DVA F 6 -17.84 35.82 39.15
HG22 DVA F 6 -18.14 34.47 39.79
HG23 DVA F 6 -19.29 35.39 39.36
N DCY F 7 -15.49 34.31 39.35
CA DCY F 7 -14.27 34.99 39.77
C DCY F 7 -14.53 36.49 39.75
O DCY F 7 -13.69 37.21 39.36
CB DCY F 7 -13.85 34.53 41.15
SG DCY F 7 -14.34 35.76 42.43
H DCY F 7 -15.96 33.89 39.94
HA DCY F 7 -13.60 34.79 39.14
HB2 DCY F 7 -14.25 33.70 41.33
HB3 DCY F 7 -12.92 34.43 41.16
N ALO F 8 -15.83 37.04 40.22
CA ALO F 8 -16.03 38.49 40.19
CB ALO F 8 -16.13 38.99 38.75
CG2 ALO F 8 -16.73 37.91 37.83
OG1 ALO F 8 -14.88 39.35 38.28
C ALO F 8 -17.30 38.91 40.89
O ALO F 8 -17.26 39.77 41.69
H ALO F 8 -16.45 36.52 40.52
HA ALO F 8 -15.30 38.92 40.60
HB ALO F 8 -16.70 39.74 38.74
HG21 ALO F 8 -17.58 37.68 38.15
HG22 ALO F 8 -16.19 37.16 37.82
HG23 ALO F 8 -16.82 38.26 36.97
HG1 ALO F 8 -14.47 38.66 38.07
N NH2 F 9 -18.57 38.29 40.56
HN1 NH2 F 9 -18.60 37.66 39.97
HN2 NH2 F 9 -19.28 38.54 40.96
#